data_7XTU
#
_entry.id   7XTU
#
_cell.length_a   91.414
_cell.length_b   91.414
_cell.length_c   247.696
_cell.angle_alpha   90.000
_cell.angle_beta   90.000
_cell.angle_gamma   120.000
#
_symmetry.space_group_name_H-M   'P 31 2 1'
#
loop_
_entity.id
_entity.type
_entity.pdbx_description
1 polymer 'alpha/beta hydrolase'
2 non-polymer 'SULFATE ION'
3 non-polymer 'ACETATE ION'
4 non-polymer DI(HYDROXYETHYL)ETHER
5 non-polymer GLYCEROL
6 non-polymer 'LITHIUM ION'
7 water water
#
_entity_poly.entity_id   1
_entity_poly.type   'polypeptide(L)'
_entity_poly.pdbx_seq_one_letter_code
;MNPYERGPNPTDALLEARSGPFSVSEENVSRLSASGFGGGTIYYPRENNTYGAVAISPGYTGTEASIAWLGERIASHGFV
VITIDTITTLDQPDSRAEQLNAALNHMINRASSTVRSRIDSSRLAVMGHAMGGGGSLRLASQRPDLKAAIPLTPWHLNKN
WSSVTVPTLIIGADLDTIAPVATHAKPFYNSLPSSISKAYLELDGATHFAPNIPNKIIGKYSVAWLKRFVDNDTRYTQFL
CPGPRDGLFGEVEEYRSTCPF
;
_entity_poly.pdbx_strand_id   A,B,C,D
#
loop_
_chem_comp.id
_chem_comp.type
_chem_comp.name
_chem_comp.formula
ACT non-polymer 'ACETATE ION' 'C2 H3 O2 -1'
GOL non-polymer GLYCEROL 'C3 H8 O3'
LI non-polymer 'LITHIUM ION' 'Li 1'
PEG non-polymer DI(HYDROXYETHYL)ETHER 'C4 H10 O3'
SO4 non-polymer 'SULFATE ION' 'O4 S -2'
#
# COMPACT_ATOMS: atom_id res chain seq x y z
N MET A 1 -17.90 16.62 13.73
CA MET A 1 -18.97 15.63 13.84
C MET A 1 -19.10 14.84 12.56
N ASN A 2 -19.06 15.54 11.42
CA ASN A 2 -18.96 14.90 10.13
C ASN A 2 -17.49 14.99 9.74
N PRO A 3 -16.72 13.90 9.82
CA PRO A 3 -15.29 13.97 9.54
C PRO A 3 -14.94 14.01 8.06
N TYR A 4 -15.94 13.86 7.17
CA TYR A 4 -15.72 14.11 5.75
C TYR A 4 -15.73 15.59 5.40
N GLU A 5 -16.15 16.45 6.33
CA GLU A 5 -16.17 17.88 6.07
C GLU A 5 -14.77 18.41 5.83
N ARG A 6 -14.65 19.30 4.86
CA ARG A 6 -13.40 19.97 4.57
C ARG A 6 -13.71 21.41 4.25
N GLY A 7 -12.77 22.29 4.59
CA GLY A 7 -12.90 23.70 4.30
C GLY A 7 -13.79 24.42 5.29
N PRO A 8 -13.84 25.74 5.18
CA PRO A 8 -14.63 26.54 6.12
C PRO A 8 -16.11 26.55 5.75
N ASN A 9 -16.91 27.08 6.66
CA ASN A 9 -18.34 27.19 6.42
C ASN A 9 -18.62 28.02 5.16
N PRO A 10 -19.52 27.57 4.29
CA PRO A 10 -19.67 28.21 2.98
C PRO A 10 -20.57 29.44 2.98
N THR A 11 -20.33 30.27 1.97
CA THR A 11 -21.20 31.37 1.59
C THR A 11 -21.25 31.43 0.07
N ASP A 12 -22.26 32.15 -0.45
CA ASP A 12 -22.32 32.43 -1.88
C ASP A 12 -21.00 32.97 -2.39
N ALA A 13 -20.41 33.91 -1.64
CA ALA A 13 -19.17 34.55 -2.06
C ALA A 13 -18.03 33.55 -2.20
N LEU A 14 -17.88 32.67 -1.20
CA LEU A 14 -16.81 31.67 -1.26
C LEU A 14 -17.07 30.63 -2.33
N LEU A 15 -18.34 30.26 -2.56
CA LEU A 15 -18.66 29.31 -3.62
C LEU A 15 -18.60 29.92 -5.01
N GLU A 16 -18.75 31.24 -5.14
CA GLU A 16 -18.69 31.90 -6.43
C GLU A 16 -17.30 32.36 -6.77
N ALA A 17 -16.38 32.33 -5.81
CA ALA A 17 -14.99 32.73 -6.03
C ALA A 17 -14.33 31.82 -7.09
N ARG A 18 -13.34 32.39 -7.79
CA ARG A 18 -12.63 31.61 -8.82
C ARG A 18 -11.92 30.39 -8.24
N SER A 19 -11.56 30.45 -6.96
CA SER A 19 -10.81 29.36 -6.35
C SER A 19 -11.34 29.12 -4.94
N GLY A 20 -11.32 27.85 -4.53
CA GLY A 20 -11.66 27.46 -3.19
C GLY A 20 -10.49 27.68 -2.25
N PRO A 21 -10.58 27.17 -1.02
CA PRO A 21 -9.53 27.45 -0.02
C PRO A 21 -8.33 26.52 -0.09
N PHE A 22 -8.42 25.40 -0.81
CA PHE A 22 -7.32 24.46 -0.91
C PHE A 22 -6.42 24.80 -2.10
N SER A 23 -5.13 24.88 -1.83
CA SER A 23 -4.15 24.98 -2.91
C SER A 23 -4.05 23.62 -3.58
N VAL A 24 -3.78 23.66 -4.88
CA VAL A 24 -3.93 22.49 -5.74
C VAL A 24 -2.62 22.23 -6.46
N SER A 25 -2.24 20.96 -6.54
CA SER A 25 -1.16 20.52 -7.41
C SER A 25 -1.74 19.52 -8.41
N GLU A 26 -0.94 19.12 -9.41
CA GLU A 26 -1.43 18.31 -10.52
C GLU A 26 -0.53 17.11 -10.79
N GLU A 27 -1.15 16.00 -11.22
CA GLU A 27 -0.42 14.82 -11.71
C GLU A 27 -0.84 14.51 -13.14
N ASN A 28 0.11 14.60 -14.06
CA ASN A 28 -0.16 14.28 -15.46
C ASN A 28 -0.28 12.78 -15.65
N VAL A 29 -1.32 12.35 -16.35
CA VAL A 29 -1.50 10.94 -16.71
C VAL A 29 -1.29 10.83 -18.21
N SER A 30 -0.14 10.27 -18.60
CA SER A 30 0.18 10.14 -20.02
C SER A 30 -0.77 9.16 -20.71
N ARG A 31 -0.90 9.33 -22.02
CA ARG A 31 -1.76 8.45 -22.80
C ARG A 31 -1.35 6.98 -22.63
N LEU A 32 -0.05 6.69 -22.59
CA LEU A 32 0.35 5.30 -22.45
C LEU A 32 0.33 4.80 -21.01
N SER A 33 0.38 5.70 -20.03
CA SER A 33 0.19 5.28 -18.64
C SER A 33 -1.27 4.93 -18.34
N ALA A 34 -2.20 5.46 -19.14
CA ALA A 34 -3.62 5.30 -18.87
C ALA A 34 -4.17 4.09 -19.62
N SER A 35 -4.85 3.21 -18.88
CA SER A 35 -5.48 2.03 -19.45
C SER A 35 -6.99 2.24 -19.51
N GLY A 36 -7.55 2.27 -20.72
CA GLY A 36 -8.98 2.41 -20.89
C GLY A 36 -9.48 3.82 -21.07
N PHE A 37 -8.59 4.81 -21.13
CA PHE A 37 -8.95 6.17 -21.50
C PHE A 37 -7.69 6.82 -22.07
N GLY A 38 -7.81 8.08 -22.48
CA GLY A 38 -6.73 8.75 -23.17
C GLY A 38 -5.74 9.51 -22.32
N GLY A 39 -5.73 9.34 -21.00
CA GLY A 39 -4.91 10.17 -20.12
C GLY A 39 -5.65 11.38 -19.59
N GLY A 40 -4.89 12.28 -19.00
CA GLY A 40 -5.45 13.53 -18.52
C GLY A 40 -4.67 14.08 -17.35
N THR A 41 -5.38 14.81 -16.48
CA THR A 41 -4.73 15.53 -15.39
C THR A 41 -5.50 15.29 -14.11
N ILE A 42 -4.79 14.96 -13.04
CA ILE A 42 -5.38 14.80 -11.72
C ILE A 42 -5.10 16.05 -10.91
N TYR A 43 -6.14 16.78 -10.55
CA TYR A 43 -6.03 17.91 -9.64
C TYR A 43 -6.31 17.42 -8.23
N TYR A 44 -5.44 17.76 -7.29
CA TYR A 44 -5.57 17.24 -5.93
C TYR A 44 -5.11 18.30 -4.94
N PRO A 45 -5.68 18.33 -3.73
CA PRO A 45 -5.27 19.33 -2.74
C PRO A 45 -3.90 19.00 -2.16
N ARG A 46 -3.06 20.03 -2.00
CA ARG A 46 -1.73 19.79 -1.45
C ARG A 46 -1.82 19.32 0.01
N GLU A 47 -2.76 19.88 0.77
CA GLU A 47 -2.89 19.51 2.17
C GLU A 47 -3.24 18.04 2.32
N ASN A 48 -2.42 17.30 3.06
CA ASN A 48 -2.63 15.86 3.19
C ASN A 48 -3.87 15.57 4.01
N ASN A 49 -4.80 14.88 3.40
CA ASN A 49 -6.00 14.37 4.04
C ASN A 49 -6.58 13.36 3.05
N THR A 50 -7.73 12.80 3.37
CA THR A 50 -8.47 12.03 2.37
C THR A 50 -9.64 12.87 1.88
N TYR A 51 -10.03 12.63 0.63
CA TYR A 51 -11.09 13.37 -0.03
C TYR A 51 -11.84 12.44 -0.95
N GLY A 52 -13.04 12.84 -1.34
CA GLY A 52 -13.74 12.16 -2.41
C GLY A 52 -13.04 12.41 -3.73
N ALA A 53 -13.44 11.64 -4.75
CA ALA A 53 -12.73 11.68 -6.02
C ALA A 53 -13.71 11.72 -7.19
N VAL A 54 -13.41 12.59 -8.15
CA VAL A 54 -14.31 12.92 -9.25
C VAL A 54 -13.57 12.68 -10.57
N ALA A 55 -14.27 12.05 -11.52
CA ALA A 55 -13.79 11.93 -12.89
C ALA A 55 -14.70 12.75 -13.80
N ILE A 56 -14.09 13.53 -14.70
CA ILE A 56 -14.83 14.44 -15.57
C ILE A 56 -14.44 14.17 -17.01
N SER A 57 -15.45 14.05 -17.89
CA SER A 57 -15.20 13.80 -19.29
C SER A 57 -15.61 15.01 -20.13
N PRO A 58 -14.83 15.35 -21.15
CA PRO A 58 -15.25 16.37 -22.13
C PRO A 58 -16.24 15.79 -23.12
N GLY A 59 -16.65 16.63 -24.08
CA GLY A 59 -17.63 16.25 -25.07
C GLY A 59 -17.03 15.85 -26.41
N TYR A 60 -17.93 15.62 -27.36
CA TYR A 60 -17.60 15.31 -28.74
C TYR A 60 -16.56 16.29 -29.32
N THR A 61 -15.42 15.74 -29.74
CA THR A 61 -14.28 16.40 -30.39
C THR A 61 -13.37 17.11 -29.41
N GLY A 62 -13.72 17.16 -28.12
CA GLY A 62 -12.98 17.94 -27.16
C GLY A 62 -11.92 17.14 -26.42
N THR A 63 -11.11 17.87 -25.68
CA THR A 63 -10.10 17.27 -24.83
C THR A 63 -10.23 17.88 -23.44
N GLU A 64 -9.33 17.47 -22.55
CA GLU A 64 -9.34 17.92 -21.17
C GLU A 64 -9.26 19.43 -21.03
N ALA A 65 -8.71 20.13 -22.03
CA ALA A 65 -8.55 21.58 -21.92
C ALA A 65 -9.90 22.29 -21.79
N SER A 66 -10.96 21.69 -22.32
CA SER A 66 -12.26 22.34 -22.31
C SER A 66 -12.98 22.21 -20.97
N ILE A 67 -12.42 21.46 -20.02
CA ILE A 67 -13.05 21.29 -18.70
C ILE A 67 -11.99 21.48 -17.61
N ALA A 68 -10.83 22.00 -17.99
CA ALA A 68 -9.73 22.14 -17.04
C ALA A 68 -10.10 23.07 -15.89
N TRP A 69 -10.70 24.22 -16.20
CA TRP A 69 -11.08 25.18 -15.17
C TRP A 69 -11.93 24.52 -14.09
N LEU A 70 -12.75 23.54 -14.48
CA LEU A 70 -13.67 22.88 -13.57
C LEU A 70 -12.94 21.90 -12.65
N GLY A 71 -11.95 21.16 -13.19
CA GLY A 71 -11.20 20.26 -12.34
C GLY A 71 -10.38 21.00 -11.30
N GLU A 72 -9.69 22.06 -11.72
CA GLU A 72 -9.00 22.97 -10.80
C GLU A 72 -9.95 23.51 -9.73
N ARG A 73 -11.08 24.06 -10.17
CA ARG A 73 -11.94 24.76 -9.22
C ARG A 73 -12.57 23.80 -8.21
N ILE A 74 -12.96 22.61 -8.65
CA ILE A 74 -13.57 21.66 -7.72
C ILE A 74 -12.54 21.11 -6.75
N ALA A 75 -11.32 20.79 -7.25
CA ALA A 75 -10.26 20.32 -6.36
C ALA A 75 -9.94 21.35 -5.30
N SER A 76 -9.95 22.64 -5.67
CA SER A 76 -9.64 23.70 -4.71
C SER A 76 -10.66 23.81 -3.59
N HIS A 77 -11.77 23.08 -3.65
CA HIS A 77 -12.69 22.92 -2.53
C HIS A 77 -12.59 21.54 -1.89
N GLY A 78 -11.47 20.83 -2.06
CA GLY A 78 -11.26 19.60 -1.34
C GLY A 78 -11.76 18.33 -1.99
N PHE A 79 -11.30 18.08 -3.21
CA PHE A 79 -11.59 16.84 -3.91
C PHE A 79 -10.39 16.51 -4.76
N VAL A 80 -10.25 15.23 -5.09
CA VAL A 80 -9.29 14.77 -6.08
C VAL A 80 -10.05 14.59 -7.39
N VAL A 81 -9.64 15.30 -8.44
CA VAL A 81 -10.41 15.37 -9.68
C VAL A 81 -9.53 15.02 -10.88
N ILE A 82 -10.01 14.09 -11.67
CA ILE A 82 -9.40 13.86 -12.95
C ILE A 82 -10.16 14.44 -14.16
N THR A 83 -9.43 15.14 -14.98
CA THR A 83 -9.89 15.62 -16.25
C THR A 83 -9.30 14.79 -17.35
N ILE A 84 -10.15 14.04 -17.99
CA ILE A 84 -9.72 13.08 -18.96
C ILE A 84 -9.72 13.48 -20.44
N ASP A 85 -8.80 12.93 -21.15
CA ASP A 85 -8.93 12.80 -22.58
C ASP A 85 -9.51 11.44 -22.92
N THR A 86 -10.29 11.38 -23.99
CA THR A 86 -10.83 10.10 -24.42
C THR A 86 -9.91 9.45 -25.44
N ILE A 87 -10.20 8.18 -25.74
CA ILE A 87 -9.31 7.40 -26.60
C ILE A 87 -9.27 8.01 -27.99
N THR A 88 -10.42 8.41 -28.52
CA THR A 88 -10.47 9.33 -29.63
C THR A 88 -11.46 10.44 -29.30
N THR A 89 -11.29 11.58 -29.96
CA THR A 89 -12.23 12.69 -29.76
C THR A 89 -13.64 12.37 -30.26
N LEU A 90 -13.85 11.24 -30.92
CA LEU A 90 -15.14 10.94 -31.51
C LEU A 90 -15.91 9.88 -30.72
N ASP A 91 -15.37 9.43 -29.58
CA ASP A 91 -16.00 8.36 -28.82
C ASP A 91 -17.41 8.75 -28.40
N GLN A 92 -18.32 7.77 -28.46
CA GLN A 92 -19.72 7.98 -28.15
C GLN A 92 -19.94 7.98 -26.64
N PRO A 93 -21.09 8.48 -26.17
CA PRO A 93 -21.29 8.64 -24.72
C PRO A 93 -21.09 7.37 -23.91
N ASP A 94 -21.63 6.24 -24.39
CA ASP A 94 -21.51 5.03 -23.61
C ASP A 94 -20.08 4.49 -23.63
N SER A 95 -19.27 4.92 -24.58
CA SER A 95 -17.83 4.69 -24.48
C SER A 95 -17.20 5.63 -23.47
N ARG A 96 -17.66 6.87 -23.44
CA ARG A 96 -17.14 7.81 -22.44
C ARG A 96 -17.46 7.32 -21.02
N ALA A 97 -18.62 6.69 -20.84
CA ALA A 97 -18.93 6.05 -19.56
C ALA A 97 -17.84 5.08 -19.15
N GLU A 98 -17.46 4.18 -20.06
CA GLU A 98 -16.45 3.19 -19.72
C GLU A 98 -15.11 3.85 -19.39
N GLN A 99 -14.77 4.91 -20.11
CA GLN A 99 -13.48 5.57 -19.88
C GLN A 99 -13.46 6.36 -18.58
N LEU A 100 -14.59 6.97 -18.21
CA LEU A 100 -14.69 7.61 -16.89
C LEU A 100 -14.47 6.59 -15.79
N ASN A 101 -15.10 5.43 -15.92
CA ASN A 101 -14.86 4.36 -14.96
C ASN A 101 -13.39 4.01 -14.91
N ALA A 102 -12.74 3.92 -16.06
CA ALA A 102 -11.32 3.58 -16.07
C ALA A 102 -10.50 4.66 -15.38
N ALA A 103 -10.96 5.90 -15.45
CA ALA A 103 -10.20 6.98 -14.82
C ALA A 103 -10.36 6.94 -13.31
N LEU A 104 -11.55 6.58 -12.82
CA LEU A 104 -11.72 6.39 -11.39
C LEU A 104 -10.74 5.34 -10.89
N ASN A 105 -10.68 4.19 -11.58
CA ASN A 105 -9.79 3.11 -11.15
C ASN A 105 -8.31 3.51 -11.26
N HIS A 106 -7.95 4.29 -12.29
CA HIS A 106 -6.58 4.81 -12.36
C HIS A 106 -6.23 5.62 -11.11
N MET A 107 -7.11 6.53 -10.71
CA MET A 107 -6.84 7.37 -9.55
C MET A 107 -6.69 6.52 -8.29
N ILE A 108 -7.50 5.47 -8.18
CA ILE A 108 -7.53 4.69 -6.95
C ILE A 108 -6.36 3.71 -6.90
N ASN A 109 -6.03 3.10 -8.04
CA ASN A 109 -5.13 1.96 -8.05
C ASN A 109 -3.79 2.19 -8.72
N ARG A 110 -3.73 3.04 -9.75
CA ARG A 110 -2.55 3.14 -10.59
C ARG A 110 -1.80 4.46 -10.49
N ALA A 111 -2.37 5.48 -9.85
CA ALA A 111 -1.69 6.76 -9.74
C ALA A 111 -0.61 6.70 -8.66
N SER A 112 0.17 7.76 -8.58
CA SER A 112 1.23 7.85 -7.59
C SER A 112 0.63 7.79 -6.19
N SER A 113 1.48 7.43 -5.22
CA SER A 113 1.03 7.37 -3.84
C SER A 113 0.52 8.72 -3.37
N THR A 114 1.12 9.81 -3.86
CA THR A 114 0.62 11.13 -3.51
C THR A 114 -0.88 11.22 -3.75
N VAL A 115 -1.33 10.85 -4.95
CA VAL A 115 -2.75 10.91 -5.27
C VAL A 115 -3.51 9.84 -4.51
N ARG A 116 -3.04 8.59 -4.57
CA ARG A 116 -3.82 7.48 -4.00
C ARG A 116 -4.07 7.69 -2.51
N SER A 117 -3.07 8.18 -1.79
CA SER A 117 -3.23 8.38 -0.36
C SER A 117 -4.22 9.50 -0.03
N ARG A 118 -4.62 10.31 -1.02
CA ARG A 118 -5.55 11.40 -0.78
C ARG A 118 -6.97 11.07 -1.21
N ILE A 119 -7.24 9.83 -1.59
CA ILE A 119 -8.54 9.44 -2.11
C ILE A 119 -9.18 8.46 -1.13
N ASP A 120 -10.39 8.78 -0.69
CA ASP A 120 -11.27 7.83 -0.02
C ASP A 120 -12.02 7.09 -1.12
N SER A 121 -11.56 5.88 -1.44
CA SER A 121 -12.06 5.14 -2.61
C SER A 121 -13.52 4.73 -2.47
N SER A 122 -14.13 4.96 -1.31
CA SER A 122 -15.54 4.67 -1.10
C SER A 122 -16.45 5.84 -1.48
N ARG A 123 -15.89 6.99 -1.88
CA ARG A 123 -16.68 8.21 -2.10
C ARG A 123 -16.26 8.80 -3.44
N LEU A 124 -16.94 8.38 -4.50
CA LEU A 124 -16.62 8.73 -5.87
C LEU A 124 -17.78 9.46 -6.54
N ALA A 125 -17.45 10.30 -7.52
CA ALA A 125 -18.43 11.06 -8.26
C ALA A 125 -18.02 11.10 -9.73
N VAL A 126 -18.99 11.39 -10.59
CA VAL A 126 -18.76 11.45 -12.03
C VAL A 126 -19.45 12.70 -12.59
N MET A 127 -18.78 13.34 -13.55
CA MET A 127 -19.29 14.52 -14.23
C MET A 127 -18.88 14.46 -15.69
N GLY A 128 -19.45 15.33 -16.49
CA GLY A 128 -19.06 15.38 -17.88
C GLY A 128 -19.81 16.45 -18.62
N HIS A 129 -19.20 16.92 -19.71
CA HIS A 129 -19.81 17.94 -20.54
C HIS A 129 -20.34 17.32 -21.82
N ALA A 130 -21.60 17.62 -22.14
CA ALA A 130 -22.24 17.23 -23.41
C ALA A 130 -22.22 15.71 -23.51
N MET A 131 -21.61 15.10 -24.54
CA MET A 131 -21.52 13.65 -24.57
C MET A 131 -20.85 13.09 -23.31
N GLY A 132 -19.97 13.85 -22.69
CA GLY A 132 -19.43 13.45 -21.39
C GLY A 132 -20.51 13.36 -20.33
N GLY A 133 -21.46 14.29 -20.35
CA GLY A 133 -22.59 14.19 -19.44
C GLY A 133 -23.45 12.97 -19.71
N GLY A 134 -23.67 12.66 -21.00
CA GLY A 134 -24.24 11.38 -21.34
C GLY A 134 -23.47 10.24 -20.72
N GLY A 135 -22.13 10.30 -20.78
CA GLY A 135 -21.32 9.27 -20.17
C GLY A 135 -21.51 9.22 -18.66
N SER A 136 -21.66 10.39 -18.04
CA SER A 136 -22.01 10.50 -16.62
C SER A 136 -23.25 9.71 -16.29
N LEU A 137 -24.32 9.93 -17.06
CA LEU A 137 -25.58 9.27 -16.76
C LEU A 137 -25.44 7.76 -16.86
N ARG A 138 -24.79 7.27 -17.93
CA ARG A 138 -24.62 5.84 -18.13
C ARG A 138 -23.83 5.21 -16.99
N LEU A 139 -22.71 5.82 -16.60
CA LEU A 139 -21.92 5.23 -15.52
C LEU A 139 -22.68 5.25 -14.20
N ALA A 140 -23.34 6.38 -13.88
CA ALA A 140 -24.23 6.45 -12.73
C ALA A 140 -25.26 5.33 -12.76
N SER A 141 -25.84 5.10 -13.92
CA SER A 141 -26.74 3.98 -14.12
C SER A 141 -26.06 2.66 -13.80
N GLN A 142 -24.84 2.47 -14.29
CA GLN A 142 -24.13 1.20 -14.16
C GLN A 142 -23.52 1.01 -12.77
N ARG A 143 -23.23 2.09 -12.06
CA ARG A 143 -22.54 2.01 -10.78
C ARG A 143 -23.36 2.76 -9.74
N PRO A 144 -24.43 2.17 -9.23
CA PRO A 144 -25.25 2.88 -8.25
C PRO A 144 -24.51 3.15 -6.95
N ASP A 145 -23.28 2.68 -6.83
CA ASP A 145 -22.48 2.94 -5.65
C ASP A 145 -21.79 4.28 -5.69
N LEU A 146 -21.73 4.93 -6.86
CA LEU A 146 -21.21 6.29 -6.92
C LEU A 146 -22.03 7.22 -6.03
N LYS A 147 -21.36 8.23 -5.47
CA LYS A 147 -22.03 9.12 -4.51
C LYS A 147 -22.75 10.29 -5.18
N ALA A 148 -22.31 10.73 -6.34
CA ALA A 148 -22.95 11.85 -7.03
C ALA A 148 -22.64 11.77 -8.51
N ALA A 149 -23.51 12.39 -9.31
CA ALA A 149 -23.29 12.51 -10.74
C ALA A 149 -23.77 13.88 -11.18
N ILE A 150 -22.99 14.53 -12.03
CA ILE A 150 -23.38 15.86 -12.50
C ILE A 150 -23.22 15.98 -14.01
N PRO A 151 -24.25 15.69 -14.81
CA PRO A 151 -24.16 15.92 -16.26
C PRO A 151 -24.36 17.39 -16.60
N LEU A 152 -23.40 17.96 -17.33
CA LEU A 152 -23.42 19.36 -17.73
C LEU A 152 -23.77 19.45 -19.20
N THR A 153 -24.80 20.25 -19.51
CA THR A 153 -25.45 20.30 -20.81
C THR A 153 -25.37 18.93 -21.48
N PRO A 154 -25.90 17.89 -20.86
CA PRO A 154 -25.62 16.52 -21.34
C PRO A 154 -26.26 16.23 -22.67
N TRP A 155 -25.63 15.30 -23.40
CA TRP A 155 -26.13 14.83 -24.70
C TRP A 155 -26.20 13.31 -24.72
N HIS A 156 -27.37 12.77 -25.07
CA HIS A 156 -27.48 11.31 -25.17
C HIS A 156 -28.71 10.95 -25.98
N LEU A 157 -28.58 9.92 -26.82
CA LEU A 157 -29.71 9.40 -27.59
C LEU A 157 -30.69 8.67 -26.69
N ASN A 158 -30.20 7.98 -25.65
CA ASN A 158 -31.12 7.36 -24.70
C ASN A 158 -31.71 8.42 -23.79
N LYS A 159 -33.03 8.50 -23.78
CA LYS A 159 -33.66 9.47 -22.89
C LYS A 159 -34.14 8.87 -21.58
N ASN A 160 -34.09 7.54 -21.44
CA ASN A 160 -34.64 6.85 -20.28
C ASN A 160 -33.53 6.60 -19.26
N TRP A 161 -33.63 7.23 -18.10
CA TRP A 161 -32.64 7.06 -17.05
C TRP A 161 -33.28 6.66 -15.72
N SER A 162 -34.33 5.84 -15.78
CA SER A 162 -35.03 5.43 -14.56
C SER A 162 -34.24 4.41 -13.75
N SER A 163 -33.16 3.85 -14.29
CA SER A 163 -32.30 2.96 -13.55
C SER A 163 -31.29 3.69 -12.67
N VAL A 164 -31.24 5.02 -12.71
CA VAL A 164 -30.27 5.78 -11.95
C VAL A 164 -30.81 6.04 -10.55
N THR A 165 -30.04 5.61 -9.54
CA THR A 165 -30.33 6.00 -8.16
C THR A 165 -29.22 6.84 -7.54
N VAL A 166 -28.15 7.14 -8.26
CA VAL A 166 -27.12 8.05 -7.75
C VAL A 166 -27.70 9.46 -7.65
N PRO A 167 -27.39 10.25 -6.62
CA PRO A 167 -27.85 11.64 -6.59
C PRO A 167 -27.32 12.45 -7.76
N THR A 168 -28.23 12.95 -8.59
CA THR A 168 -27.88 13.51 -9.89
C THR A 168 -28.35 14.95 -10.04
N LEU A 169 -27.40 15.85 -10.35
CA LEU A 169 -27.69 17.24 -10.66
C LEU A 169 -27.43 17.44 -12.15
N ILE A 170 -28.48 17.65 -12.93
CA ILE A 170 -28.35 17.92 -14.36
C ILE A 170 -28.40 19.42 -14.57
N ILE A 171 -27.42 19.95 -15.29
CA ILE A 171 -27.35 21.36 -15.59
C ILE A 171 -27.59 21.54 -17.08
N GLY A 172 -28.65 22.26 -17.43
CA GLY A 172 -28.96 22.54 -18.81
C GLY A 172 -28.64 23.99 -19.10
N ALA A 173 -28.56 24.32 -20.38
CA ALA A 173 -28.36 25.69 -20.84
C ALA A 173 -29.48 26.06 -21.80
N ASP A 174 -30.10 27.21 -21.58
CA ASP A 174 -31.30 27.56 -22.34
C ASP A 174 -31.03 27.74 -23.83
N LEU A 175 -29.87 28.30 -24.21
CA LEU A 175 -29.53 28.51 -25.61
C LEU A 175 -28.75 27.36 -26.25
N ASP A 176 -28.54 26.24 -25.55
CA ASP A 176 -27.88 25.06 -26.10
C ASP A 176 -28.57 24.58 -27.37
N THR A 177 -27.92 24.75 -28.52
CA THR A 177 -28.47 24.25 -29.77
C THR A 177 -28.01 22.84 -30.12
N ILE A 178 -27.03 22.31 -29.39
CA ILE A 178 -26.46 21.00 -29.69
C ILE A 178 -27.12 19.90 -28.88
N ALA A 179 -27.39 20.15 -27.60
CA ALA A 179 -28.18 19.23 -26.78
C ALA A 179 -29.32 20.03 -26.16
N PRO A 180 -30.29 20.44 -26.97
CA PRO A 180 -31.37 21.30 -26.47
C PRO A 180 -32.03 20.65 -25.27
N VAL A 181 -32.34 21.47 -24.27
CA VAL A 181 -32.81 20.92 -23.01
C VAL A 181 -34.14 20.21 -23.19
N ALA A 182 -34.87 20.53 -24.26
CA ALA A 182 -36.17 19.90 -24.49
C ALA A 182 -36.04 18.45 -24.92
N THR A 183 -34.95 18.08 -25.60
CA THR A 183 -34.79 16.74 -26.12
C THR A 183 -33.72 15.94 -25.39
N HIS A 184 -32.90 16.59 -24.56
CA HIS A 184 -31.90 15.90 -23.76
C HIS A 184 -32.09 16.14 -22.26
N ALA A 185 -31.60 17.28 -21.76
CA ALA A 185 -31.47 17.49 -20.31
C ALA A 185 -32.77 17.28 -19.56
N LYS A 186 -33.88 17.91 -20.01
CA LYS A 186 -35.14 17.75 -19.30
C LYS A 186 -35.68 16.32 -19.38
N PRO A 187 -35.75 15.67 -20.53
CA PRO A 187 -36.17 14.25 -20.53
C PRO A 187 -35.27 13.39 -19.66
N PHE A 188 -33.97 13.68 -19.61
CA PHE A 188 -33.10 12.96 -18.67
C PHE A 188 -33.60 13.15 -17.24
N TYR A 189 -33.73 14.40 -16.81
CA TYR A 189 -34.22 14.68 -15.45
C TYR A 189 -35.58 14.05 -15.21
N ASN A 190 -36.51 14.16 -16.18
CA ASN A 190 -37.87 13.69 -15.95
C ASN A 190 -37.95 12.17 -15.84
N SER A 191 -37.04 11.44 -16.50
CA SER A 191 -37.10 9.98 -16.45
C SER A 191 -36.38 9.41 -15.23
N LEU A 192 -35.44 10.16 -14.64
CA LEU A 192 -34.88 9.77 -13.36
C LEU A 192 -36.01 9.58 -12.34
N PRO A 193 -35.94 8.56 -11.48
CA PRO A 193 -37.05 8.31 -10.55
C PRO A 193 -37.37 9.52 -9.70
N SER A 194 -38.64 9.66 -9.33
CA SER A 194 -39.01 10.74 -8.43
C SER A 194 -38.56 10.48 -7.00
N SER A 195 -38.11 9.27 -6.70
CA SER A 195 -37.77 8.87 -5.33
C SER A 195 -36.30 9.09 -4.96
N ILE A 196 -35.46 9.54 -5.89
CA ILE A 196 -34.04 9.72 -5.60
C ILE A 196 -33.77 11.18 -5.27
N SER A 197 -32.51 11.50 -4.93
CA SER A 197 -32.06 12.88 -4.81
C SER A 197 -31.64 13.37 -6.20
N LYS A 198 -32.37 14.33 -6.74
CA LYS A 198 -32.04 14.88 -8.05
C LYS A 198 -32.39 16.35 -8.07
N ALA A 199 -31.81 17.05 -9.04
CA ALA A 199 -32.14 18.45 -9.27
C ALA A 199 -31.83 18.78 -10.72
N TYR A 200 -32.65 19.66 -11.29
CA TYR A 200 -32.47 20.18 -12.63
C TYR A 200 -32.26 21.69 -12.54
N LEU A 201 -31.10 22.16 -12.99
CA LEU A 201 -30.78 23.57 -13.00
C LEU A 201 -30.51 23.96 -14.45
N GLU A 202 -31.33 24.86 -14.98
CA GLU A 202 -31.12 25.37 -16.32
C GLU A 202 -30.54 26.76 -16.22
N LEU A 203 -29.39 26.95 -16.85
CA LEU A 203 -28.75 28.24 -16.91
C LEU A 203 -29.49 29.18 -17.86
N ASP A 204 -29.42 30.46 -17.53
CA ASP A 204 -30.06 31.54 -18.25
C ASP A 204 -29.01 32.23 -19.12
N GLY A 205 -29.30 32.39 -20.40
CA GLY A 205 -28.35 33.03 -21.30
C GLY A 205 -27.06 32.24 -21.44
N ALA A 206 -27.17 30.96 -21.78
CA ALA A 206 -26.02 30.07 -21.81
C ALA A 206 -26.12 29.18 -23.03
N THR A 207 -25.00 29.00 -23.73
CA THR A 207 -24.93 28.11 -24.87
C THR A 207 -24.36 26.75 -24.42
N HIS A 208 -24.32 25.83 -25.40
CA HIS A 208 -23.61 24.57 -25.27
C HIS A 208 -22.19 24.74 -24.69
N PHE A 209 -21.59 25.93 -24.87
CA PHE A 209 -20.21 26.15 -24.48
C PHE A 209 -20.04 26.60 -23.03
N ALA A 210 -21.14 26.90 -22.34
CA ALA A 210 -21.06 27.49 -21.00
C ALA A 210 -20.20 26.69 -20.04
N PRO A 211 -20.32 25.36 -19.94
CA PRO A 211 -19.45 24.62 -19.01
C PRO A 211 -17.96 24.70 -19.35
N ASN A 212 -17.58 25.21 -20.53
CA ASN A 212 -16.18 25.34 -20.90
C ASN A 212 -15.60 26.69 -20.54
N ILE A 213 -16.41 27.58 -19.96
CA ILE A 213 -16.04 28.95 -19.63
C ILE A 213 -16.19 29.11 -18.12
N PRO A 214 -15.17 29.57 -17.38
CA PRO A 214 -15.36 29.77 -15.94
C PRO A 214 -16.67 30.46 -15.63
N ASN A 215 -17.47 29.82 -14.79
CA ASN A 215 -18.88 30.15 -14.64
C ASN A 215 -19.21 30.01 -13.17
N LYS A 216 -19.67 31.10 -12.56
CA LYS A 216 -19.85 31.08 -11.11
C LYS A 216 -21.06 30.26 -10.69
N ILE A 217 -22.11 30.19 -11.53
CA ILE A 217 -23.27 29.35 -11.20
C ILE A 217 -22.87 27.87 -11.23
N ILE A 218 -22.26 27.44 -12.34
CA ILE A 218 -21.85 26.05 -12.47
C ILE A 218 -20.91 25.67 -11.34
N GLY A 219 -19.91 26.52 -11.07
CA GLY A 219 -18.95 26.21 -10.02
C GLY A 219 -19.58 26.11 -8.65
N LYS A 220 -20.47 27.06 -8.31
CA LYS A 220 -21.13 27.06 -7.02
C LYS A 220 -21.98 25.81 -6.81
N TYR A 221 -22.85 25.49 -7.78
CA TYR A 221 -23.79 24.40 -7.54
C TYR A 221 -23.16 23.04 -7.81
N SER A 222 -22.13 22.97 -8.65
CA SER A 222 -21.37 21.74 -8.81
C SER A 222 -20.66 21.36 -7.50
N VAL A 223 -19.96 22.32 -6.90
CA VAL A 223 -19.31 22.07 -5.61
C VAL A 223 -20.33 21.74 -4.52
N ALA A 224 -21.43 22.50 -4.47
CA ALA A 224 -22.44 22.26 -3.45
C ALA A 224 -23.04 20.85 -3.56
N TRP A 225 -23.37 20.42 -4.78
CA TRP A 225 -23.86 19.05 -4.97
C TRP A 225 -22.83 18.02 -4.52
N LEU A 226 -21.55 18.24 -4.87
CA LEU A 226 -20.51 17.30 -4.47
C LEU A 226 -20.32 17.31 -2.96
N LYS A 227 -20.27 18.50 -2.37
CA LYS A 227 -20.12 18.59 -0.92
C LYS A 227 -21.25 17.84 -0.22
N ARG A 228 -22.48 18.06 -0.68
CA ARG A 228 -23.63 17.46 -0.01
C ARG A 228 -23.65 15.93 -0.14
N PHE A 229 -23.26 15.40 -1.28
CA PHE A 229 -23.47 13.98 -1.48
C PHE A 229 -22.21 13.14 -1.43
N VAL A 230 -21.05 13.71 -1.76
CA VAL A 230 -19.79 12.98 -1.64
C VAL A 230 -19.24 13.05 -0.22
N ASP A 231 -19.38 14.22 0.42
CA ASP A 231 -18.95 14.39 1.79
C ASP A 231 -20.09 14.30 2.81
N ASN A 232 -21.34 14.08 2.37
CA ASN A 232 -22.48 14.16 3.28
C ASN A 232 -22.45 15.45 4.09
N ASP A 233 -22.08 16.55 3.45
CA ASP A 233 -21.83 17.82 4.12
C ASP A 233 -23.12 18.63 4.12
N THR A 234 -23.87 18.56 5.23
CA THR A 234 -25.16 19.25 5.31
C THR A 234 -25.02 20.77 5.47
N ARG A 235 -23.81 21.28 5.68
CA ARG A 235 -23.58 22.73 5.57
C ARG A 235 -23.93 23.25 4.20
N TYR A 236 -24.10 22.38 3.22
CA TYR A 236 -24.33 22.76 1.84
C TYR A 236 -25.77 22.54 1.39
N THR A 237 -26.61 21.94 2.24
CA THR A 237 -28.03 21.83 1.92
C THR A 237 -28.63 23.20 1.62
N GLN A 238 -28.16 24.24 2.29
CA GLN A 238 -28.79 25.56 2.18
C GLN A 238 -28.75 26.09 0.74
N PHE A 239 -27.76 25.68 -0.05
CA PHE A 239 -27.69 26.17 -1.42
C PHE A 239 -28.57 25.37 -2.37
N LEU A 240 -28.90 24.12 -2.03
CA LEU A 240 -29.71 23.27 -2.89
C LEU A 240 -31.19 23.33 -2.58
N CYS A 241 -31.56 23.64 -1.34
CA CYS A 241 -32.94 23.57 -0.88
C CYS A 241 -33.31 24.88 -0.18
N PRO A 242 -34.20 25.69 -0.77
CA PRO A 242 -34.98 25.44 -1.99
C PRO A 242 -34.20 25.54 -3.32
N GLY A 243 -32.97 26.05 -3.29
CA GLY A 243 -32.16 26.16 -4.47
C GLY A 243 -32.16 27.55 -5.07
N PRO A 244 -31.47 27.73 -6.17
CA PRO A 244 -31.45 29.05 -6.82
C PRO A 244 -32.85 29.41 -7.32
N ARG A 245 -33.13 30.72 -7.36
CA ARG A 245 -34.46 31.17 -7.73
C ARG A 245 -34.56 31.27 -9.25
N ASP A 246 -35.64 30.75 -9.82
CA ASP A 246 -35.87 30.88 -11.25
C ASP A 246 -36.93 31.92 -11.56
N GLY A 247 -37.37 32.68 -10.57
CA GLY A 247 -38.42 33.68 -10.69
C GLY A 247 -37.90 35.09 -10.91
N LEU A 248 -38.70 36.07 -10.48
CA LEU A 248 -38.35 37.46 -10.68
C LEU A 248 -37.05 37.82 -9.95
N PHE A 249 -36.11 38.42 -10.70
CA PHE A 249 -34.77 38.73 -10.20
C PHE A 249 -34.00 37.49 -9.79
N GLY A 250 -34.35 36.31 -10.36
CA GLY A 250 -33.66 35.07 -10.05
C GLY A 250 -32.33 34.93 -10.76
N GLU A 251 -31.53 33.96 -10.34
CA GLU A 251 -30.23 33.76 -10.94
C GLU A 251 -30.24 32.67 -12.00
N VAL A 252 -31.37 32.01 -12.19
CA VAL A 252 -31.41 30.78 -12.94
C VAL A 252 -32.68 30.75 -13.78
N GLU A 253 -32.60 30.14 -14.97
CA GLU A 253 -33.78 30.00 -15.82
C GLU A 253 -34.79 29.05 -15.20
N GLU A 254 -34.33 27.95 -14.62
CA GLU A 254 -35.20 26.95 -14.02
C GLU A 254 -34.44 26.14 -12.98
N TYR A 255 -35.05 25.92 -11.82
CA TYR A 255 -34.51 24.96 -10.86
C TYR A 255 -35.64 24.10 -10.33
N ARG A 256 -35.44 22.80 -10.36
CA ARG A 256 -36.40 21.82 -9.91
C ARG A 256 -35.64 20.76 -9.12
N SER A 257 -36.17 20.33 -7.97
CA SER A 257 -35.45 19.37 -7.17
C SER A 257 -36.42 18.48 -6.42
N THR A 258 -35.86 17.41 -5.84
CA THR A 258 -36.57 16.57 -4.88
C THR A 258 -36.17 16.90 -3.44
N CYS A 259 -35.78 18.14 -3.20
CA CYS A 259 -35.72 18.68 -1.84
C CYS A 259 -36.99 18.37 -1.08
N PRO A 260 -36.91 18.01 0.21
CA PRO A 260 -35.65 17.85 0.97
C PRO A 260 -34.98 16.52 0.66
N PHE A 261 -33.66 16.45 0.78
CA PHE A 261 -32.96 15.18 0.54
C PHE A 261 -32.76 14.42 1.84
N MET B 1 -24.54 9.56 9.94
CA MET B 1 -24.02 10.83 10.46
C MET B 1 -22.60 10.68 10.97
N ASN B 2 -22.36 9.72 11.88
CA ASN B 2 -21.01 9.45 12.37
C ASN B 2 -20.49 8.22 11.64
N PRO B 3 -19.62 8.38 10.65
CA PRO B 3 -19.15 7.21 9.89
C PRO B 3 -18.18 6.33 10.65
N TYR B 4 -17.70 6.75 11.83
CA TYR B 4 -16.89 5.85 12.64
C TYR B 4 -17.74 4.89 13.48
N GLU B 5 -19.07 5.06 13.50
CA GLU B 5 -19.93 4.19 14.28
C GLU B 5 -19.91 2.77 13.72
N ARG B 6 -19.76 1.80 14.61
CA ARG B 6 -19.86 0.40 14.24
C ARG B 6 -20.77 -0.29 15.23
N GLY B 7 -21.52 -1.28 14.73
CA GLY B 7 -22.35 -2.10 15.57
C GLY B 7 -23.71 -1.49 15.87
N PRO B 8 -24.57 -2.26 16.53
CA PRO B 8 -25.94 -1.82 16.80
C PRO B 8 -25.99 -0.90 18.02
N ASN B 9 -27.13 -0.22 18.16
CA ASN B 9 -27.34 0.66 19.29
C ASN B 9 -27.10 -0.10 20.60
N PRO B 10 -26.29 0.42 21.50
CA PRO B 10 -25.89 -0.35 22.68
C PRO B 10 -26.95 -0.38 23.76
N THR B 11 -26.88 -1.43 24.57
CA THR B 11 -27.64 -1.56 25.80
C THR B 11 -26.71 -2.12 26.87
N ASP B 12 -27.15 -2.06 28.12
CA ASP B 12 -26.39 -2.67 29.21
C ASP B 12 -26.14 -4.14 28.90
N ALA B 13 -27.19 -4.86 28.49
CA ALA B 13 -27.10 -6.28 28.18
C ALA B 13 -26.05 -6.53 27.10
N LEU B 14 -26.10 -5.76 26.01
CA LEU B 14 -25.18 -5.97 24.90
C LEU B 14 -23.74 -5.66 25.29
N LEU B 15 -23.52 -4.68 26.17
CA LEU B 15 -22.17 -4.38 26.64
C LEU B 15 -21.69 -5.31 27.75
N GLU B 16 -22.58 -6.00 28.46
CA GLU B 16 -22.17 -6.94 29.49
C GLU B 16 -22.05 -8.36 28.97
N ALA B 17 -22.56 -8.64 27.77
CA ALA B 17 -22.42 -9.97 27.18
C ALA B 17 -20.95 -10.32 26.98
N ARG B 18 -20.67 -11.62 26.96
CA ARG B 18 -19.28 -12.07 26.83
C ARG B 18 -18.67 -11.63 25.51
N SER B 19 -19.49 -11.38 24.49
CA SER B 19 -18.98 -11.03 23.17
C SER B 19 -19.85 -9.96 22.51
N GLY B 20 -19.19 -9.06 21.78
CA GLY B 20 -19.87 -8.12 20.93
C GLY B 20 -20.41 -8.79 19.68
N PRO B 21 -20.96 -8.00 18.75
CA PRO B 21 -21.58 -8.59 17.55
C PRO B 21 -20.64 -8.91 16.41
N PHE B 22 -19.38 -8.44 16.44
CA PHE B 22 -18.43 -8.71 15.38
C PHE B 22 -17.71 -10.03 15.64
N SER B 23 -17.66 -10.87 14.61
CA SER B 23 -16.85 -12.07 14.72
C SER B 23 -15.40 -11.69 14.51
N VAL B 24 -14.51 -12.42 15.19
CA VAL B 24 -13.12 -12.02 15.37
C VAL B 24 -12.21 -13.10 14.82
N SER B 25 -11.15 -12.69 14.14
CA SER B 25 -10.04 -13.56 13.78
C SER B 25 -8.77 -13.03 14.43
N GLU B 26 -7.71 -13.84 14.42
CA GLU B 26 -6.48 -13.51 15.11
C GLU B 26 -5.27 -13.58 14.17
N GLU B 27 -4.30 -12.69 14.40
CA GLU B 27 -3.02 -12.74 13.68
C GLU B 27 -1.90 -12.86 14.71
N ASN B 28 -1.14 -13.94 14.63
CA ASN B 28 -0.03 -14.14 15.57
C ASN B 28 1.16 -13.28 15.17
N VAL B 29 1.73 -12.58 16.13
CA VAL B 29 2.97 -11.84 15.93
C VAL B 29 4.07 -12.53 16.74
N SER B 30 5.02 -13.14 16.04
CA SER B 30 6.06 -13.88 16.72
C SER B 30 7.09 -12.93 17.33
N ARG B 31 7.86 -13.47 18.29
CA ARG B 31 8.96 -12.70 18.88
C ARG B 31 9.86 -12.11 17.81
N LEU B 32 10.30 -12.94 16.86
CA LEU B 32 11.27 -12.44 15.89
C LEU B 32 10.63 -11.54 14.84
N SER B 33 9.33 -11.71 14.57
CA SER B 33 8.61 -10.80 13.69
C SER B 33 8.36 -9.44 14.32
N ALA B 34 8.52 -9.29 15.63
CA ALA B 34 8.18 -8.06 16.34
C ALA B 34 9.42 -7.26 16.68
N SER B 35 9.43 -5.99 16.28
CA SER B 35 10.51 -5.07 16.58
C SER B 35 10.09 -4.14 17.71
N GLY B 36 10.78 -4.24 18.86
CA GLY B 36 10.54 -3.34 19.97
C GLY B 36 9.59 -3.84 21.02
N PHE B 37 9.10 -5.08 20.91
CA PHE B 37 8.27 -5.70 21.93
C PHE B 37 8.36 -7.21 21.72
N GLY B 38 7.63 -7.98 22.54
CA GLY B 38 7.83 -9.41 22.61
C GLY B 38 6.93 -10.25 21.73
N GLY B 39 6.23 -9.66 20.76
CA GLY B 39 5.22 -10.38 19.99
C GLY B 39 3.82 -10.22 20.58
N GLY B 40 2.90 -11.04 20.08
CA GLY B 40 1.58 -11.02 20.66
C GLY B 40 0.53 -11.53 19.67
N THR B 41 -0.73 -11.16 19.96
CA THR B 41 -1.86 -11.57 19.16
C THR B 41 -2.66 -10.34 18.77
N ILE B 42 -2.96 -10.20 17.48
CA ILE B 42 -3.83 -9.15 17.00
C ILE B 42 -5.21 -9.76 16.82
N TYR B 43 -6.19 -9.18 17.51
CA TYR B 43 -7.60 -9.54 17.36
C TYR B 43 -8.26 -8.48 16.50
N TYR B 44 -9.00 -8.92 15.48
CA TYR B 44 -9.55 -7.98 14.51
C TYR B 44 -10.89 -8.52 14.00
N PRO B 45 -11.78 -7.64 13.55
CA PRO B 45 -13.09 -8.10 13.07
C PRO B 45 -12.99 -8.67 11.65
N ARG B 46 -13.67 -9.78 11.41
CA ARG B 46 -13.63 -10.37 10.08
C ARG B 46 -14.28 -9.45 9.05
N GLU B 47 -15.37 -8.79 9.42
CA GLU B 47 -16.07 -7.91 8.48
C GLU B 47 -15.15 -6.78 8.02
N ASN B 48 -14.98 -6.65 6.71
CA ASN B 48 -14.08 -5.64 6.20
C ASN B 48 -14.66 -4.25 6.40
N ASN B 49 -13.83 -3.37 6.97
CA ASN B 49 -14.13 -1.99 7.30
C ASN B 49 -12.82 -1.46 7.89
N THR B 50 -12.77 -0.15 8.09
CA THR B 50 -11.73 0.42 8.95
C THR B 50 -12.26 0.50 10.38
N TYR B 51 -11.35 0.34 11.34
CA TYR B 51 -11.69 0.50 12.74
C TYR B 51 -10.54 1.20 13.45
N GLY B 52 -10.80 1.64 14.68
CA GLY B 52 -9.74 2.10 15.54
C GLY B 52 -8.89 0.95 16.04
N ALA B 53 -7.72 1.28 16.60
CA ALA B 53 -6.73 0.27 16.96
C ALA B 53 -6.19 0.48 18.38
N VAL B 54 -6.08 -0.62 19.11
CA VAL B 54 -5.76 -0.61 20.52
C VAL B 54 -4.60 -1.58 20.77
N ALA B 55 -3.66 -1.17 21.63
CA ALA B 55 -2.58 -2.02 22.09
C ALA B 55 -2.68 -2.18 23.60
N ILE B 56 -2.53 -3.42 24.09
CA ILE B 56 -2.75 -3.72 25.50
C ILE B 56 -1.54 -4.45 26.04
N SER B 57 -0.99 -3.94 27.14
CA SER B 57 0.16 -4.58 27.75
C SER B 57 -0.26 -5.29 29.03
N PRO B 58 0.33 -6.46 29.31
CA PRO B 58 0.14 -7.11 30.60
C PRO B 58 1.02 -6.52 31.69
N GLY B 59 1.00 -7.13 32.88
CA GLY B 59 1.71 -6.62 34.02
C GLY B 59 3.02 -7.35 34.31
N TYR B 60 3.67 -6.91 35.38
CA TYR B 60 4.87 -7.55 35.90
C TYR B 60 4.72 -9.07 35.99
N THR B 61 5.62 -9.78 35.29
CA THR B 61 5.78 -11.24 35.24
C THR B 61 4.79 -11.90 34.30
N GLY B 62 3.85 -11.15 33.71
CA GLY B 62 2.76 -11.73 32.97
C GLY B 62 2.98 -11.70 31.46
N THR B 63 2.09 -12.40 30.76
CA THR B 63 2.14 -12.43 29.32
C THR B 63 0.76 -12.16 28.75
N GLU B 64 0.68 -12.14 27.43
CA GLU B 64 -0.56 -11.85 26.71
C GLU B 64 -1.74 -12.70 27.18
N ALA B 65 -1.48 -13.86 27.79
CA ALA B 65 -2.57 -14.73 28.18
C ALA B 65 -3.40 -14.15 29.32
N SER B 66 -2.83 -13.23 30.10
CA SER B 66 -3.54 -12.66 31.23
C SER B 66 -4.47 -11.53 30.82
N ILE B 67 -4.46 -11.13 29.55
CA ILE B 67 -5.33 -10.06 29.04
C ILE B 67 -5.98 -10.51 27.74
N ALA B 68 -5.94 -11.80 27.44
CA ALA B 68 -6.45 -12.29 26.17
C ALA B 68 -7.96 -12.05 26.06
N TRP B 69 -8.70 -12.33 27.13
CA TRP B 69 -10.15 -12.18 27.09
C TRP B 69 -10.53 -10.76 26.70
N LEU B 70 -9.74 -9.79 27.15
CA LEU B 70 -10.01 -8.37 26.89
C LEU B 70 -9.80 -8.03 25.42
N GLY B 71 -8.72 -8.56 24.81
CA GLY B 71 -8.49 -8.30 23.39
C GLY B 71 -9.61 -8.85 22.53
N GLU B 72 -9.97 -10.10 22.76
CA GLU B 72 -11.13 -10.71 22.09
C GLU B 72 -12.40 -9.88 22.30
N ARG B 73 -12.70 -9.56 23.57
CA ARG B 73 -13.96 -8.88 23.87
C ARG B 73 -14.02 -7.49 23.22
N ILE B 74 -12.91 -6.76 23.24
CA ILE B 74 -12.94 -5.42 22.65
C ILE B 74 -13.01 -5.51 21.12
N ALA B 75 -12.23 -6.43 20.53
CA ALA B 75 -12.28 -6.58 19.07
C ALA B 75 -13.69 -6.93 18.59
N SER B 76 -14.41 -7.76 19.35
CA SER B 76 -15.76 -8.17 18.96
C SER B 76 -16.75 -7.02 18.99
N HIS B 77 -16.38 -5.87 19.54
CA HIS B 77 -17.16 -4.65 19.41
C HIS B 77 -16.56 -3.68 18.41
N GLY B 78 -15.75 -4.17 17.47
CA GLY B 78 -15.29 -3.33 16.37
C GLY B 78 -14.03 -2.52 16.61
N PHE B 79 -12.98 -3.18 17.07
CA PHE B 79 -11.67 -2.57 17.14
C PHE B 79 -10.66 -3.62 16.72
N VAL B 80 -9.50 -3.15 16.28
CA VAL B 80 -8.33 -3.99 16.04
C VAL B 80 -7.44 -3.86 17.27
N VAL B 81 -7.15 -4.99 17.93
CA VAL B 81 -6.56 -4.99 19.26
C VAL B 81 -5.36 -5.94 19.31
N ILE B 82 -4.24 -5.41 19.69
CA ILE B 82 -3.11 -6.22 20.01
C ILE B 82 -2.86 -6.44 21.52
N THR B 83 -2.69 -7.69 21.87
CA THR B 83 -2.27 -8.11 23.18
C THR B 83 -0.85 -8.58 23.10
N ILE B 84 0.00 -7.83 23.73
CA ILE B 84 1.41 -8.01 23.63
C ILE B 84 2.08 -8.84 24.72
N ASP B 85 3.13 -9.49 24.33
CA ASP B 85 4.14 -9.88 25.30
C ASP B 85 5.22 -8.81 25.32
N THR B 86 5.85 -8.64 26.47
CA THR B 86 6.96 -7.71 26.57
C THR B 86 8.28 -8.41 26.30
N ILE B 87 9.35 -7.63 26.17
CA ILE B 87 10.64 -8.20 25.82
C ILE B 87 11.12 -9.14 26.92
N THR B 88 10.99 -8.72 28.18
CA THR B 88 11.10 -9.65 29.30
C THR B 88 9.88 -9.47 30.19
N THR B 89 9.63 -10.46 31.04
CA THR B 89 8.50 -10.33 31.95
C THR B 89 8.78 -9.37 33.10
N LEU B 90 10.00 -8.84 33.20
CA LEU B 90 10.37 -7.93 34.28
C LEU B 90 10.49 -6.49 33.81
N ASP B 91 10.08 -6.18 32.58
CA ASP B 91 10.23 -4.82 32.09
C ASP B 91 9.41 -3.84 32.92
N GLN B 92 9.97 -2.66 33.14
CA GLN B 92 9.36 -1.65 33.99
C GLN B 92 8.31 -0.85 33.20
N PRO B 93 7.42 -0.12 33.89
CA PRO B 93 6.29 0.52 33.19
C PRO B 93 6.67 1.40 32.01
N ASP B 94 7.71 2.22 32.15
CA ASP B 94 8.09 3.10 31.05
C ASP B 94 8.80 2.36 29.94
N SER B 95 9.32 1.16 30.21
CA SER B 95 9.67 0.30 29.10
C SER B 95 8.43 -0.28 28.45
N ARG B 96 7.39 -0.57 29.23
CA ARG B 96 6.18 -1.08 28.61
C ARG B 96 5.53 0.00 27.73
N ALA B 97 5.67 1.28 28.11
CA ALA B 97 5.18 2.35 27.23
C ALA B 97 5.82 2.27 25.85
N GLU B 98 7.15 2.19 25.80
CA GLU B 98 7.83 2.09 24.51
C GLU B 98 7.37 0.87 23.73
N GLN B 99 7.19 -0.25 24.41
CA GLN B 99 6.80 -1.47 23.71
C GLN B 99 5.37 -1.39 23.16
N LEU B 100 4.47 -0.74 23.90
CA LEU B 100 3.11 -0.52 23.39
C LEU B 100 3.13 0.35 22.16
N ASN B 101 3.95 1.40 22.18
CA ASN B 101 4.14 2.23 20.99
C ASN B 101 4.60 1.39 19.82
N ALA B 102 5.59 0.52 20.04
CA ALA B 102 6.07 -0.34 18.97
C ALA B 102 4.97 -1.24 18.45
N ALA B 103 4.06 -1.66 19.34
CA ALA B 103 2.98 -2.55 18.92
C ALA B 103 1.94 -1.78 18.11
N LEU B 104 1.70 -0.53 18.46
CA LEU B 104 0.87 0.31 17.60
C LEU B 104 1.47 0.39 16.20
N ASN B 105 2.77 0.69 16.10
CA ASN B 105 3.40 0.82 14.80
C ASN B 105 3.44 -0.50 14.05
N HIS B 106 3.60 -1.63 14.77
CA HIS B 106 3.54 -2.93 14.12
C HIS B 106 2.21 -3.11 13.41
N MET B 107 1.10 -2.85 14.11
CA MET B 107 -0.22 -3.05 13.51
C MET B 107 -0.42 -2.19 12.27
N ILE B 108 0.08 -0.95 12.31
CA ILE B 108 -0.16 0.00 11.22
C ILE B 108 0.73 -0.31 10.00
N ASN B 109 2.00 -0.65 10.24
CA ASN B 109 3.00 -0.67 9.17
C ASN B 109 3.56 -2.05 8.82
N ARG B 110 3.52 -3.03 9.75
CA ARG B 110 4.23 -4.29 9.57
C ARG B 110 3.33 -5.52 9.55
N ALA B 111 2.10 -5.44 10.03
CA ALA B 111 1.22 -6.61 10.01
C ALA B 111 0.79 -6.91 8.58
N SER B 112 0.02 -7.98 8.41
CA SER B 112 -0.48 -8.33 7.10
C SER B 112 -1.45 -7.27 6.58
N SER B 113 -1.66 -7.27 5.27
CA SER B 113 -2.61 -6.33 4.69
C SER B 113 -4.01 -6.57 5.22
N THR B 114 -4.36 -7.83 5.54
CA THR B 114 -5.63 -8.08 6.18
C THR B 114 -5.80 -7.16 7.38
N VAL B 115 -4.79 -7.12 8.25
CA VAL B 115 -4.86 -6.30 9.45
C VAL B 115 -4.69 -4.81 9.12
N ARG B 116 -3.68 -4.46 8.32
CA ARG B 116 -3.41 -3.05 8.07
C ARG B 116 -4.62 -2.37 7.46
N SER B 117 -5.31 -3.03 6.53
CA SER B 117 -6.44 -2.40 5.87
C SER B 117 -7.66 -2.27 6.76
N ARG B 118 -7.63 -2.80 7.99
CA ARG B 118 -8.74 -2.66 8.90
C ARG B 118 -8.50 -1.59 9.96
N ILE B 119 -7.43 -0.82 9.81
CA ILE B 119 -7.01 0.12 10.83
C ILE B 119 -7.08 1.53 10.26
N ASP B 120 -7.83 2.39 10.92
CA ASP B 120 -7.78 3.84 10.71
C ASP B 120 -6.63 4.35 11.57
N SER B 121 -5.48 4.56 10.96
CA SER B 121 -4.27 4.85 11.74
C SER B 121 -4.36 6.16 12.50
N SER B 122 -5.36 7.00 12.20
CA SER B 122 -5.57 8.24 12.93
C SER B 122 -6.32 8.05 14.26
N ARG B 123 -6.74 6.82 14.58
CA ARG B 123 -7.62 6.58 15.75
C ARG B 123 -7.07 5.41 16.58
N LEU B 124 -6.19 5.73 17.53
CA LEU B 124 -5.46 4.76 18.32
C LEU B 124 -5.72 4.93 19.81
N ALA B 125 -5.53 3.83 20.55
CA ALA B 125 -5.76 3.82 21.99
C ALA B 125 -4.76 2.88 22.68
N VAL B 126 -4.58 3.08 23.97
CA VAL B 126 -3.63 2.31 24.76
C VAL B 126 -4.30 1.85 26.05
N MET B 127 -4.06 0.59 26.42
CA MET B 127 -4.57 0.01 27.66
C MET B 127 -3.47 -0.84 28.27
N GLY B 128 -3.67 -1.25 29.52
CA GLY B 128 -2.69 -2.11 30.15
C GLY B 128 -3.12 -2.46 31.55
N HIS B 129 -2.55 -3.56 32.04
CA HIS B 129 -2.85 -4.05 33.39
C HIS B 129 -1.65 -3.83 34.29
N ALA B 130 -1.88 -3.17 35.43
CA ALA B 130 -0.88 -2.99 36.49
C ALA B 130 0.29 -2.22 35.89
N MET B 131 1.52 -2.76 35.86
CA MET B 131 2.62 -2.06 35.22
C MET B 131 2.31 -1.69 33.77
N GLY B 132 1.54 -2.52 33.07
CA GLY B 132 1.07 -2.13 31.75
C GLY B 132 0.14 -0.92 31.79
N GLY B 133 -0.64 -0.79 32.86
CA GLY B 133 -1.43 0.43 33.01
C GLY B 133 -0.54 1.64 33.25
N GLY B 134 0.53 1.45 34.03
CA GLY B 134 1.53 2.49 34.13
C GLY B 134 2.11 2.84 32.77
N GLY B 135 2.41 1.82 31.97
CA GLY B 135 2.90 2.08 30.62
C GLY B 135 1.87 2.81 29.80
N SER B 136 0.59 2.51 30.02
CA SER B 136 -0.50 3.25 29.38
C SER B 136 -0.38 4.75 29.64
N LEU B 137 -0.22 5.12 30.93
CA LEU B 137 -0.19 6.53 31.28
C LEU B 137 1.02 7.22 30.66
N ARG B 138 2.18 6.56 30.70
CA ARG B 138 3.40 7.15 30.15
C ARG B 138 3.28 7.38 28.65
N LEU B 139 2.69 6.43 27.93
CA LEU B 139 2.56 6.61 26.48
C LEU B 139 1.51 7.65 26.14
N ALA B 140 0.38 7.64 26.85
CA ALA B 140 -0.61 8.70 26.70
C ALA B 140 0.02 10.06 26.93
N SER B 141 0.87 10.16 27.95
CA SER B 141 1.57 11.40 28.23
C SER B 141 2.49 11.79 27.08
N GLN B 142 3.16 10.81 26.47
CA GLN B 142 4.13 11.07 25.41
C GLN B 142 3.48 11.28 24.04
N ARG B 143 2.27 10.76 23.85
CA ARG B 143 1.59 10.84 22.56
C ARG B 143 0.22 11.49 22.77
N PRO B 144 0.15 12.82 22.85
CA PRO B 144 -1.16 13.47 23.01
C PRO B 144 -2.11 13.18 21.87
N ASP B 145 -1.61 12.63 20.75
CA ASP B 145 -2.44 12.32 19.61
C ASP B 145 -3.27 11.07 19.80
N LEU B 146 -2.95 10.24 20.80
CA LEU B 146 -3.77 9.06 21.07
C LEU B 146 -5.20 9.48 21.41
N LYS B 147 -6.17 8.66 20.97
CA LYS B 147 -7.57 9.01 21.17
C LYS B 147 -8.10 8.64 22.56
N ALA B 148 -7.57 7.59 23.18
CA ALA B 148 -8.08 7.12 24.46
C ALA B 148 -6.99 6.35 25.18
N ALA B 149 -7.14 6.24 26.50
CA ALA B 149 -6.19 5.50 27.32
C ALA B 149 -6.97 4.90 28.48
N ILE B 150 -6.70 3.63 28.79
CA ILE B 150 -7.44 2.94 29.85
C ILE B 150 -6.48 2.14 30.72
N PRO B 151 -5.91 2.72 31.78
CA PRO B 151 -5.07 1.94 32.71
C PRO B 151 -5.91 1.12 33.67
N LEU B 152 -5.69 -0.19 33.68
CA LEU B 152 -6.43 -1.14 34.51
C LEU B 152 -5.58 -1.51 35.74
N THR B 153 -6.15 -1.28 36.94
CA THR B 153 -5.46 -1.37 38.22
C THR B 153 -3.99 -0.95 38.04
N PRO B 154 -3.73 0.27 37.58
CA PRO B 154 -2.37 0.62 37.15
C PRO B 154 -1.38 0.68 38.30
N TRP B 155 -0.10 0.46 37.96
CA TRP B 155 1.02 0.55 38.89
C TRP B 155 2.09 1.46 38.29
N HIS B 156 2.56 2.44 39.08
CA HIS B 156 3.63 3.30 38.60
C HIS B 156 4.21 4.06 39.79
N LEU B 157 5.55 4.19 39.83
CA LEU B 157 6.19 4.98 40.88
C LEU B 157 5.95 6.46 40.68
N ASN B 158 5.84 6.93 39.44
CA ASN B 158 5.49 8.32 39.18
C ASN B 158 4.00 8.54 39.42
N LYS B 159 3.67 9.53 40.24
CA LYS B 159 2.27 9.78 40.52
C LYS B 159 1.75 10.99 39.76
N ASN B 160 2.61 11.71 39.05
CA ASN B 160 2.24 12.97 38.42
C ASN B 160 1.92 12.73 36.96
N TRP B 161 0.65 12.86 36.59
CA TRP B 161 0.23 12.69 35.21
C TRP B 161 -0.45 13.94 34.65
N SER B 162 -0.01 15.10 35.12
CA SER B 162 -0.56 16.38 34.68
C SER B 162 -0.23 16.70 33.24
N SER B 163 0.69 15.97 32.62
CA SER B 163 1.01 16.21 31.21
C SER B 163 0.06 15.47 30.27
N VAL B 164 -0.80 14.61 30.79
CA VAL B 164 -1.71 13.80 29.98
C VAL B 164 -2.92 14.61 29.58
N THR B 165 -3.18 14.68 28.27
CA THR B 165 -4.45 15.22 27.78
C THR B 165 -5.23 14.20 26.97
N VAL B 166 -4.77 12.94 26.91
CA VAL B 166 -5.60 11.91 26.28
C VAL B 166 -6.80 11.61 27.16
N PRO B 167 -8.00 11.45 26.60
CA PRO B 167 -9.14 10.95 27.39
C PRO B 167 -8.83 9.67 28.16
N THR B 168 -8.76 9.74 29.48
CA THR B 168 -8.24 8.63 30.29
C THR B 168 -9.31 8.09 31.24
N LEU B 169 -9.51 6.78 31.21
CA LEU B 169 -10.38 6.09 32.15
C LEU B 169 -9.51 5.19 33.01
N ILE B 170 -9.35 5.53 34.28
CA ILE B 170 -8.59 4.67 35.19
C ILE B 170 -9.58 3.79 35.94
N ILE B 171 -9.32 2.50 35.93
CA ILE B 171 -10.11 1.53 36.69
C ILE B 171 -9.26 1.03 37.84
N GLY B 172 -9.77 1.21 39.06
CA GLY B 172 -9.12 0.68 40.24
C GLY B 172 -9.87 -0.53 40.77
N ALA B 173 -9.21 -1.27 41.64
CA ALA B 173 -9.84 -2.37 42.36
C ALA B 173 -9.66 -2.12 43.85
N ASP B 174 -10.76 -2.25 44.59
CA ASP B 174 -10.75 -1.88 46.02
C ASP B 174 -9.80 -2.75 46.83
N LEU B 175 -9.77 -4.06 46.59
CA LEU B 175 -8.90 -4.98 47.34
C LEU B 175 -7.51 -5.15 46.71
N ASP B 176 -7.15 -4.34 45.70
CA ASP B 176 -5.83 -4.43 45.08
C ASP B 176 -4.74 -4.14 46.12
N THR B 177 -4.00 -5.18 46.51
CA THR B 177 -2.87 -5.01 47.41
C THR B 177 -1.55 -4.76 46.68
N ILE B 178 -1.52 -4.99 45.38
CA ILE B 178 -0.30 -4.80 44.62
C ILE B 178 -0.14 -3.35 44.22
N ALA B 179 -1.19 -2.75 43.69
CA ALA B 179 -1.20 -1.34 43.34
C ALA B 179 -2.39 -0.68 44.03
N PRO B 180 -2.34 -0.58 45.36
CA PRO B 180 -3.49 -0.04 46.11
C PRO B 180 -3.94 1.29 45.53
N VAL B 181 -5.26 1.51 45.52
CA VAL B 181 -5.78 2.66 44.81
C VAL B 181 -5.36 3.95 45.48
N ALA B 182 -5.05 3.90 46.78
CA ALA B 182 -4.70 5.10 47.53
C ALA B 182 -3.34 5.66 47.11
N THR B 183 -2.41 4.81 46.69
CA THR B 183 -1.07 5.24 46.33
C THR B 183 -0.78 5.13 44.84
N HIS B 184 -1.71 4.60 44.05
CA HIS B 184 -1.53 4.48 42.60
C HIS B 184 -2.72 5.08 41.85
N ALA B 185 -3.81 4.31 41.70
CA ALA B 185 -4.91 4.70 40.82
C ALA B 185 -5.47 6.09 41.14
N LYS B 186 -5.81 6.35 42.42
CA LYS B 186 -6.42 7.64 42.75
C LYS B 186 -5.44 8.80 42.56
N PRO B 187 -4.20 8.75 43.06
CA PRO B 187 -3.27 9.84 42.72
C PRO B 187 -3.09 10.02 41.23
N PHE B 188 -3.11 8.93 40.44
CA PHE B 188 -3.01 9.10 39.00
C PHE B 188 -4.20 9.90 38.48
N TYR B 189 -5.41 9.50 38.86
CA TYR B 189 -6.60 10.23 38.46
C TYR B 189 -6.53 11.69 38.90
N ASN B 190 -6.16 11.93 40.16
CA ASN B 190 -6.20 13.28 40.71
C ASN B 190 -5.15 14.20 40.13
N SER B 191 -4.03 13.66 39.63
CA SER B 191 -3.01 14.55 39.07
C SER B 191 -3.26 14.85 37.59
N LEU B 192 -4.06 14.04 36.91
CA LEU B 192 -4.53 14.39 35.57
C LEU B 192 -5.28 15.72 35.64
N PRO B 193 -5.18 16.56 34.60
CA PRO B 193 -5.83 17.88 34.67
C PRO B 193 -7.33 17.75 34.87
N SER B 194 -7.89 18.73 35.58
CA SER B 194 -9.33 18.81 35.69
C SER B 194 -9.98 19.19 34.38
N SER B 195 -9.21 19.67 33.40
CA SER B 195 -9.73 20.20 32.15
C SER B 195 -9.89 19.17 31.04
N ILE B 196 -9.42 17.94 31.23
CA ILE B 196 -9.49 16.91 30.19
C ILE B 196 -10.72 16.05 30.41
N SER B 197 -10.98 15.15 29.45
CA SER B 197 -11.96 14.09 29.66
C SER B 197 -11.29 12.95 30.41
N LYS B 198 -11.77 12.66 31.61
CA LYS B 198 -11.23 11.57 32.42
C LYS B 198 -12.33 10.99 33.29
N ALA B 199 -12.11 9.78 33.76
CA ALA B 199 -12.99 9.16 34.72
C ALA B 199 -12.20 8.16 35.59
N TYR B 200 -12.64 8.03 36.83
CA TYR B 200 -12.09 7.04 37.77
C TYR B 200 -13.20 6.08 38.17
N LEU B 201 -12.98 4.79 37.94
CA LEU B 201 -13.97 3.76 38.24
C LEU B 201 -13.30 2.74 39.14
N GLU B 202 -13.72 2.65 40.38
CA GLU B 202 -13.14 1.68 41.30
C GLU B 202 -14.11 0.52 41.42
N LEU B 203 -13.64 -0.66 41.05
CA LEU B 203 -14.42 -1.87 41.19
C LEU B 203 -14.58 -2.26 42.65
N ASP B 204 -15.72 -2.86 42.92
CA ASP B 204 -16.14 -3.31 44.24
C ASP B 204 -15.78 -4.78 44.35
N GLY B 205 -15.18 -5.18 45.48
CA GLY B 205 -14.82 -6.56 45.69
C GLY B 205 -13.91 -7.11 44.61
N ALA B 206 -12.80 -6.41 44.34
CA ALA B 206 -11.93 -6.77 43.24
C ALA B 206 -10.48 -6.71 43.69
N THR B 207 -9.69 -7.71 43.28
CA THR B 207 -8.27 -7.72 43.58
C THR B 207 -7.45 -7.23 42.39
N HIS B 208 -6.13 -7.27 42.56
CA HIS B 208 -5.19 -7.00 41.47
C HIS B 208 -5.47 -7.87 40.25
N PHE B 209 -6.06 -9.05 40.45
CA PHE B 209 -6.27 -10.01 39.37
C PHE B 209 -7.55 -9.77 38.57
N ALA B 210 -8.38 -8.81 38.98
CA ALA B 210 -9.69 -8.64 38.34
C ALA B 210 -9.60 -8.40 36.84
N PRO B 211 -8.74 -7.52 36.33
CA PRO B 211 -8.63 -7.38 34.86
C PRO B 211 -8.23 -8.66 34.13
N ASN B 212 -7.77 -9.70 34.83
CA ASN B 212 -7.37 -10.95 34.16
C ASN B 212 -8.49 -11.98 34.14
N ILE B 213 -9.65 -11.65 34.71
CA ILE B 213 -10.80 -12.53 34.78
C ILE B 213 -11.92 -11.88 33.99
N PRO B 214 -12.57 -12.57 33.05
CA PRO B 214 -13.66 -11.94 32.31
C PRO B 214 -14.65 -11.26 33.25
N ASN B 215 -14.87 -9.98 33.00
CA ASN B 215 -15.49 -9.10 33.99
C ASN B 215 -16.45 -8.19 33.23
N LYS B 216 -17.74 -8.31 33.49
CA LYS B 216 -18.70 -7.57 32.68
C LYS B 216 -18.64 -6.06 32.95
N ILE B 217 -18.17 -5.63 34.13
CA ILE B 217 -18.07 -4.20 34.37
C ILE B 217 -16.87 -3.60 33.64
N ILE B 218 -15.70 -4.24 33.78
CA ILE B 218 -14.53 -3.82 33.02
C ILE B 218 -14.84 -3.83 31.53
N GLY B 219 -15.46 -4.92 31.06
CA GLY B 219 -15.76 -5.03 29.64
C GLY B 219 -16.72 -3.95 29.17
N LYS B 220 -17.74 -3.65 29.97
CA LYS B 220 -18.74 -2.65 29.61
C LYS B 220 -18.08 -1.28 29.44
N TYR B 221 -17.40 -0.78 30.49
CA TYR B 221 -16.99 0.60 30.48
C TYR B 221 -15.72 0.80 29.65
N SER B 222 -14.90 -0.24 29.52
CA SER B 222 -13.75 -0.17 28.60
C SER B 222 -14.22 0.03 27.18
N VAL B 223 -15.13 -0.82 26.70
CA VAL B 223 -15.70 -0.65 25.37
C VAL B 223 -16.41 0.70 25.26
N ALA B 224 -17.19 1.07 26.27
CA ALA B 224 -17.91 2.35 26.20
C ALA B 224 -16.96 3.53 26.08
N TRP B 225 -15.88 3.55 26.87
CA TRP B 225 -14.88 4.61 26.76
C TRP B 225 -14.23 4.62 25.38
N LEU B 226 -13.90 3.45 24.84
CA LEU B 226 -13.30 3.40 23.51
C LEU B 226 -14.29 3.88 22.45
N LYS B 227 -15.53 3.39 22.49
CA LYS B 227 -16.55 3.82 21.53
C LYS B 227 -16.69 5.34 21.55
N ARG B 228 -16.79 5.92 22.75
CA ARG B 228 -17.03 7.35 22.85
C ARG B 228 -15.85 8.18 22.36
N PHE B 229 -14.61 7.70 22.56
CA PHE B 229 -13.47 8.55 22.30
C PHE B 229 -12.64 8.13 21.08
N VAL B 230 -12.55 6.83 20.79
CA VAL B 230 -11.90 6.41 19.55
C VAL B 230 -12.82 6.60 18.35
N ASP B 231 -14.09 6.22 18.49
CA ASP B 231 -15.07 6.36 17.41
C ASP B 231 -15.88 7.65 17.47
N ASN B 232 -15.69 8.50 18.48
CA ASN B 232 -16.55 9.67 18.65
C ASN B 232 -18.02 9.27 18.66
N ASP B 233 -18.31 8.13 19.27
CA ASP B 233 -19.62 7.51 19.21
C ASP B 233 -20.42 7.95 20.43
N THR B 234 -21.20 9.03 20.25
CA THR B 234 -21.99 9.61 21.33
C THR B 234 -23.17 8.76 21.75
N ARG B 235 -23.48 7.67 21.02
CA ARG B 235 -24.42 6.67 21.53
C ARG B 235 -23.95 6.06 22.83
N TYR B 236 -22.69 6.26 23.20
CA TYR B 236 -22.10 5.66 24.37
C TYR B 236 -21.89 6.66 25.50
N THR B 237 -22.16 7.96 25.28
CA THR B 237 -22.14 8.91 26.37
C THR B 237 -23.07 8.49 27.50
N GLN B 238 -24.18 7.82 27.16
CA GLN B 238 -25.18 7.48 28.19
C GLN B 238 -24.60 6.60 29.31
N PHE B 239 -23.61 5.77 29.00
CA PHE B 239 -23.04 4.88 30.01
C PHE B 239 -21.99 5.55 30.87
N LEU B 240 -21.41 6.65 30.41
CA LEU B 240 -20.35 7.35 31.11
C LEU B 240 -20.82 8.55 31.91
N CYS B 241 -21.93 9.16 31.51
CA CYS B 241 -22.43 10.37 32.15
C CYS B 241 -23.90 10.18 32.46
N PRO B 242 -24.30 10.11 33.74
CA PRO B 242 -23.44 10.31 34.93
C PRO B 242 -22.53 9.12 35.27
N GLY B 243 -22.69 7.98 34.62
CA GLY B 243 -21.85 6.82 34.86
C GLY B 243 -22.47 5.82 35.81
N PRO B 244 -21.73 4.77 36.14
CA PRO B 244 -22.26 3.79 37.09
C PRO B 244 -22.46 4.41 38.47
N ARG B 245 -23.50 3.97 39.16
CA ARG B 245 -23.81 4.53 40.47
C ARG B 245 -22.87 3.93 41.51
N ASP B 246 -22.28 4.75 42.38
CA ASP B 246 -21.48 4.21 43.47
C ASP B 246 -22.20 4.26 44.80
N GLY B 247 -23.50 4.58 44.80
CA GLY B 247 -24.28 4.69 46.04
C GLY B 247 -25.01 3.41 46.44
N LEU B 248 -26.18 3.59 47.03
CA LEU B 248 -26.98 2.46 47.50
C LEU B 248 -27.47 1.61 46.32
N PHE B 249 -27.24 0.30 46.40
CA PHE B 249 -27.55 -0.66 45.34
C PHE B 249 -26.78 -0.38 44.05
N GLY B 250 -25.68 0.32 44.16
CA GLY B 250 -24.85 0.64 43.03
C GLY B 250 -24.01 -0.47 42.40
N GLU B 251 -23.37 -0.17 41.32
CA GLU B 251 -22.61 -1.19 40.71
C GLU B 251 -21.15 -1.13 41.01
N VAL B 252 -20.72 -0.01 41.48
CA VAL B 252 -19.35 0.25 41.49
C VAL B 252 -19.03 0.87 42.79
N GLU B 253 -17.84 0.67 43.29
CA GLU B 253 -17.49 1.30 44.55
C GLU B 253 -17.25 2.80 44.51
N GLU B 254 -16.87 3.34 43.39
CA GLU B 254 -16.64 4.76 43.20
C GLU B 254 -16.61 5.07 41.71
N TYR B 255 -17.28 6.15 41.32
CA TYR B 255 -17.13 6.68 39.98
C TYR B 255 -17.06 8.19 40.05
N ARG B 256 -16.06 8.76 39.40
CA ARG B 256 -15.81 10.19 39.31
C ARG B 256 -15.51 10.52 37.86
N SER B 257 -15.99 11.64 37.36
CA SER B 257 -15.73 11.95 35.98
C SER B 257 -15.72 13.46 35.76
N THR B 258 -15.27 13.86 34.58
CA THR B 258 -15.36 15.24 34.10
C THR B 258 -16.51 15.38 33.11
N CYS B 259 -17.49 14.49 33.20
CA CYS B 259 -18.77 14.69 32.54
C CYS B 259 -19.30 16.10 32.78
N PRO B 260 -19.89 16.75 31.76
CA PRO B 260 -20.00 16.21 30.40
C PRO B 260 -18.70 16.38 29.62
N PHE B 261 -18.45 15.49 28.67
CA PHE B 261 -17.21 15.56 27.89
C PHE B 261 -17.39 16.39 26.63
N MET C 1 -23.33 -22.86 -7.07
CA MET C 1 -23.69 -24.18 -7.59
C MET C 1 -22.53 -25.19 -7.50
N ASN C 2 -21.29 -24.68 -7.49
CA ASN C 2 -20.13 -25.52 -7.20
C ASN C 2 -19.70 -25.30 -5.76
N PRO C 3 -19.91 -26.27 -4.85
CA PRO C 3 -19.70 -26.00 -3.43
C PRO C 3 -18.23 -25.85 -3.03
N TYR C 4 -17.30 -26.21 -3.90
CA TYR C 4 -15.90 -26.18 -3.53
C TYR C 4 -15.23 -24.85 -3.89
N GLU C 5 -15.93 -23.98 -4.62
CA GLU C 5 -15.36 -22.72 -5.05
C GLU C 5 -14.96 -21.85 -3.87
N ARG C 6 -13.80 -21.23 -3.95
CA ARG C 6 -13.39 -20.29 -2.93
C ARG C 6 -12.77 -19.08 -3.63
N GLY C 7 -12.91 -17.93 -2.99
CA GLY C 7 -12.23 -16.74 -3.44
C GLY C 7 -12.91 -16.04 -4.60
N PRO C 8 -12.48 -14.81 -4.86
CA PRO C 8 -13.08 -14.02 -5.93
C PRO C 8 -12.63 -14.51 -7.31
N ASN C 9 -13.28 -13.95 -8.32
CA ASN C 9 -13.00 -14.32 -9.71
C ASN C 9 -11.53 -14.06 -10.04
N PRO C 10 -10.85 -14.98 -10.71
CA PRO C 10 -9.42 -14.80 -10.98
C PRO C 10 -9.13 -13.91 -12.18
N THR C 11 -7.94 -13.32 -12.15
CA THR C 11 -7.30 -12.59 -13.25
C THR C 11 -5.81 -12.87 -13.20
N ASP C 12 -5.09 -12.51 -14.28
CA ASP C 12 -3.64 -12.68 -14.28
C ASP C 12 -2.98 -11.93 -13.12
N ALA C 13 -3.46 -10.72 -12.83
CA ALA C 13 -2.84 -9.93 -11.77
C ALA C 13 -3.07 -10.57 -10.40
N LEU C 14 -4.29 -11.05 -10.14
CA LEU C 14 -4.53 -11.67 -8.83
C LEU C 14 -3.70 -12.93 -8.66
N LEU C 15 -3.49 -13.68 -9.75
CA LEU C 15 -2.72 -14.92 -9.67
C LEU C 15 -1.21 -14.68 -9.61
N GLU C 16 -0.73 -13.55 -10.12
CA GLU C 16 0.71 -13.32 -10.11
C GLU C 16 1.20 -12.53 -8.92
N ALA C 17 0.31 -12.00 -8.11
CA ALA C 17 0.70 -11.20 -6.95
C ALA C 17 1.35 -12.08 -5.90
N ARG C 18 2.18 -11.45 -5.06
CA ARG C 18 2.85 -12.13 -3.96
C ARG C 18 1.89 -13.00 -3.16
N SER C 19 0.65 -12.54 -2.99
CA SER C 19 -0.28 -13.16 -2.07
C SER C 19 -1.68 -13.21 -2.66
N GLY C 20 -2.38 -14.31 -2.41
CA GLY C 20 -3.80 -14.39 -2.74
C GLY C 20 -4.66 -13.64 -1.74
N PRO C 21 -5.98 -13.85 -1.77
CA PRO C 21 -6.88 -13.04 -0.94
C PRO C 21 -7.16 -13.56 0.46
N PHE C 22 -6.71 -14.76 0.82
CA PHE C 22 -7.00 -15.34 2.13
C PHE C 22 -5.86 -15.05 3.08
N SER C 23 -6.21 -14.56 4.27
CA SER C 23 -5.21 -14.41 5.32
C SER C 23 -4.78 -15.79 5.83
N VAL C 24 -3.51 -15.89 6.22
CA VAL C 24 -2.90 -17.19 6.47
C VAL C 24 -2.30 -17.24 7.87
N SER C 25 -2.50 -18.36 8.55
CA SER C 25 -1.87 -18.61 9.83
C SER C 25 -1.12 -19.93 9.76
N GLU C 26 -0.27 -20.16 10.76
CA GLU C 26 0.68 -21.26 10.72
C GLU C 26 0.52 -22.15 11.93
N GLU C 27 0.85 -23.42 11.72
CA GLU C 27 0.96 -24.38 12.81
C GLU C 27 2.19 -25.24 12.55
N ASN C 28 3.07 -25.32 13.55
CA ASN C 28 4.25 -26.16 13.49
C ASN C 28 3.88 -27.63 13.63
N VAL C 29 4.66 -28.49 12.99
CA VAL C 29 4.63 -29.93 13.26
C VAL C 29 6.04 -30.34 13.62
N SER C 30 6.27 -30.61 14.90
CA SER C 30 7.59 -31.04 15.33
C SER C 30 7.94 -32.41 14.74
N ARG C 31 9.24 -32.67 14.61
CA ARG C 31 9.68 -33.99 14.18
C ARG C 31 9.16 -35.09 15.12
N LEU C 32 9.20 -34.83 16.44
CA LEU C 32 8.68 -35.78 17.42
C LEU C 32 7.20 -36.07 17.16
N SER C 33 6.41 -35.03 16.90
CA SER C 33 4.99 -35.24 16.66
C SER C 33 4.75 -35.94 15.32
N ALA C 34 5.65 -35.80 14.37
CA ALA C 34 5.40 -36.29 13.03
C ALA C 34 5.70 -37.78 12.97
N SER C 35 4.75 -38.53 12.41
CA SER C 35 4.88 -39.95 12.16
C SER C 35 5.07 -40.17 10.67
N GLY C 36 6.19 -40.75 10.27
CA GLY C 36 6.42 -41.04 8.86
C GLY C 36 6.92 -39.88 8.03
N PHE C 37 7.29 -38.76 8.65
CA PHE C 37 7.99 -37.71 7.95
C PHE C 37 8.78 -36.92 8.99
N GLY C 38 9.41 -35.83 8.57
CA GLY C 38 10.32 -35.10 9.41
C GLY C 38 9.72 -33.94 10.16
N GLY C 39 8.43 -33.67 10.01
CA GLY C 39 7.80 -32.47 10.53
C GLY C 39 7.59 -31.46 9.43
N GLY C 40 7.22 -30.24 9.83
CA GLY C 40 7.04 -29.19 8.85
C GLY C 40 6.17 -28.07 9.40
N THR C 41 5.57 -27.33 8.48
CA THR C 41 4.74 -26.16 8.78
C THR C 41 3.45 -26.25 7.98
N ILE C 42 2.31 -26.16 8.69
CA ILE C 42 0.99 -26.15 8.06
C ILE C 42 0.55 -24.70 7.89
N TYR C 43 0.22 -24.32 6.65
CA TYR C 43 -0.30 -23.01 6.31
C TYR C 43 -1.79 -23.15 6.01
N TYR C 44 -2.63 -22.35 6.64
CA TYR C 44 -4.06 -22.52 6.48
C TYR C 44 -4.75 -21.18 6.47
N PRO C 45 -5.90 -21.08 5.78
CA PRO C 45 -6.67 -19.83 5.79
C PRO C 45 -7.32 -19.58 7.15
N ARG C 46 -7.31 -18.33 7.58
CA ARG C 46 -7.98 -17.98 8.83
C ARG C 46 -9.48 -18.12 8.71
N GLU C 47 -10.04 -17.72 7.57
CA GLU C 47 -11.47 -17.76 7.37
C GLU C 47 -11.98 -19.19 7.42
N ASN C 48 -12.97 -19.45 8.28
CA ASN C 48 -13.43 -20.81 8.52
C ASN C 48 -14.26 -21.30 7.34
N ASN C 49 -13.87 -22.45 6.81
CA ASN C 49 -14.50 -23.15 5.69
C ASN C 49 -13.71 -24.44 5.54
N THR C 50 -14.12 -25.29 4.62
CA THR C 50 -13.28 -26.42 4.28
C THR C 50 -12.62 -26.16 2.94
N TYR C 51 -11.38 -26.64 2.80
CA TYR C 51 -10.56 -26.40 1.62
C TYR C 51 -9.79 -27.67 1.29
N GLY C 52 -9.33 -27.77 0.05
CA GLY C 52 -8.41 -28.83 -0.30
C GLY C 52 -7.13 -28.77 0.51
N ALA C 53 -6.47 -29.93 0.65
CA ALA C 53 -5.23 -30.02 1.40
C ALA C 53 -4.08 -30.50 0.51
N VAL C 54 -2.93 -29.84 0.64
CA VAL C 54 -1.80 -29.98 -0.27
C VAL C 54 -0.54 -30.23 0.55
N ALA C 55 0.27 -31.20 0.13
CA ALA C 55 1.52 -31.51 0.81
C ALA C 55 2.67 -31.29 -0.16
N ILE C 56 3.75 -30.68 0.31
CA ILE C 56 4.85 -30.28 -0.56
C ILE C 56 6.15 -30.84 0.00
N SER C 57 6.89 -31.58 -0.86
CA SER C 57 8.19 -32.11 -0.47
C SER C 57 9.35 -31.30 -1.04
N PRO C 58 10.37 -30.98 -0.23
CA PRO C 58 11.60 -30.39 -0.80
C PRO C 58 12.45 -31.42 -1.52
N GLY C 59 13.60 -31.00 -2.03
CA GLY C 59 14.49 -31.88 -2.74
C GLY C 59 15.61 -32.45 -1.87
N TYR C 60 16.46 -33.26 -2.54
CA TYR C 60 17.64 -33.87 -1.95
C TYR C 60 18.48 -32.86 -1.16
N THR C 61 18.79 -33.20 0.08
CA THR C 61 19.54 -32.41 1.08
C THR C 61 18.74 -31.23 1.63
N GLY C 62 17.51 -31.00 1.19
CA GLY C 62 16.83 -29.76 1.45
C GLY C 62 15.89 -29.87 2.63
N THR C 63 15.34 -28.72 3.02
CA THR C 63 14.37 -28.63 4.10
C THR C 63 13.23 -27.75 3.68
N GLU C 64 12.23 -27.66 4.56
CA GLU C 64 11.03 -26.89 4.30
C GLU C 64 11.33 -25.43 3.99
N ALA C 65 12.47 -24.94 4.44
CA ALA C 65 12.86 -23.55 4.18
C ALA C 65 13.01 -23.29 2.69
N SER C 66 13.41 -24.28 1.91
CA SER C 66 13.55 -24.06 0.48
C SER C 66 12.20 -24.02 -0.25
N ILE C 67 11.07 -24.25 0.42
CA ILE C 67 9.76 -24.23 -0.22
C ILE C 67 8.74 -23.49 0.62
N ALA C 68 9.19 -22.79 1.66
CA ALA C 68 8.28 -22.04 2.53
C ALA C 68 7.39 -21.08 1.76
N TRP C 69 7.95 -20.33 0.81
CA TRP C 69 7.16 -19.32 0.12
C TRP C 69 5.99 -19.94 -0.62
N LEU C 70 6.13 -21.20 -1.02
CA LEU C 70 5.06 -21.88 -1.73
C LEU C 70 3.90 -22.22 -0.80
N GLY C 71 4.18 -22.63 0.43
CA GLY C 71 3.11 -22.89 1.37
C GLY C 71 2.26 -21.66 1.63
N GLU C 72 2.91 -20.53 1.89
CA GLU C 72 2.20 -19.28 2.12
C GLU C 72 1.45 -18.83 0.87
N ARG C 73 2.11 -18.89 -0.30
CA ARG C 73 1.49 -18.40 -1.51
C ARG C 73 0.24 -19.22 -1.84
N ILE C 74 0.36 -20.56 -1.85
CA ILE C 74 -0.77 -21.39 -2.21
C ILE C 74 -1.86 -21.36 -1.13
N ALA C 75 -1.48 -21.26 0.15
CA ALA C 75 -2.51 -21.23 1.21
C ALA C 75 -3.35 -19.95 1.13
N SER C 76 -2.73 -18.84 0.76
CA SER C 76 -3.42 -17.57 0.64
C SER C 76 -4.42 -17.56 -0.49
N HIS C 77 -4.43 -18.59 -1.34
CA HIS C 77 -5.46 -18.74 -2.36
C HIS C 77 -6.52 -19.77 -1.99
N GLY C 78 -6.58 -20.22 -0.73
CA GLY C 78 -7.69 -21.08 -0.31
C GLY C 78 -7.36 -22.55 -0.23
N PHE C 79 -6.35 -22.90 0.57
CA PHE C 79 -5.84 -24.27 0.66
C PHE C 79 -5.16 -24.45 2.02
N VAL C 80 -5.20 -25.68 2.52
CA VAL C 80 -4.39 -26.07 3.66
C VAL C 80 -3.17 -26.80 3.12
N VAL C 81 -1.98 -26.27 3.41
CA VAL C 81 -0.75 -26.69 2.77
C VAL C 81 0.25 -27.04 3.86
N ILE C 82 0.83 -28.23 3.79
CA ILE C 82 1.94 -28.56 4.66
C ILE C 82 3.22 -28.59 3.83
N THR C 83 4.24 -27.98 4.37
CA THR C 83 5.57 -27.93 3.79
C THR C 83 6.46 -28.82 4.68
N ILE C 84 6.93 -29.95 4.15
CA ILE C 84 7.49 -30.97 5.05
C ILE C 84 9.00 -30.90 5.10
N ASP C 85 9.54 -31.36 6.22
CA ASP C 85 10.90 -31.89 6.27
C ASP C 85 10.81 -33.41 6.12
N THR C 86 11.86 -34.00 5.57
CA THR C 86 11.91 -35.46 5.47
C THR C 86 12.67 -36.04 6.66
N ILE C 87 12.52 -37.36 6.82
CA ILE C 87 13.12 -38.08 7.93
C ILE C 87 14.64 -37.91 7.93
N THR C 88 15.27 -37.97 6.75
CA THR C 88 16.66 -37.52 6.58
C THR C 88 16.75 -36.68 5.32
N THR C 89 17.79 -35.86 5.23
CA THR C 89 17.91 -35.05 4.02
C THR C 89 18.23 -35.88 2.78
N LEU C 90 18.62 -37.15 2.93
CA LEU C 90 19.09 -37.94 1.82
C LEU C 90 18.05 -38.91 1.29
N ASP C 91 16.81 -38.87 1.80
CA ASP C 91 15.79 -39.79 1.35
C ASP C 91 15.53 -39.61 -0.13
N GLN C 92 15.22 -40.72 -0.81
CA GLN C 92 15.08 -40.75 -2.26
C GLN C 92 13.62 -40.51 -2.65
N PRO C 93 13.35 -40.29 -3.95
CA PRO C 93 11.97 -40.00 -4.37
C PRO C 93 10.90 -40.93 -3.80
N ASP C 94 11.10 -42.26 -3.83
CA ASP C 94 10.00 -43.14 -3.46
C ASP C 94 9.70 -43.07 -1.96
N SER C 95 10.71 -42.77 -1.15
CA SER C 95 10.47 -42.57 0.27
C SER C 95 9.82 -41.21 0.52
N ARG C 96 10.15 -40.19 -0.29
CA ARG C 96 9.44 -38.91 -0.17
C ARG C 96 7.97 -39.07 -0.54
N ALA C 97 7.64 -40.03 -1.39
CA ALA C 97 6.24 -40.34 -1.64
C ALA C 97 5.56 -40.80 -0.37
N GLU C 98 6.17 -41.77 0.33
CA GLU C 98 5.61 -42.24 1.58
C GLU C 98 5.47 -41.09 2.57
N GLN C 99 6.43 -40.15 2.57
CA GLN C 99 6.38 -39.08 3.56
C GLN C 99 5.39 -37.99 3.19
N LEU C 100 5.20 -37.72 1.89
CA LEU C 100 4.10 -36.85 1.48
C LEU C 100 2.76 -37.42 1.91
N ASN C 101 2.62 -38.75 1.80
CA ASN C 101 1.39 -39.41 2.24
C ASN C 101 1.19 -39.28 3.75
N ALA C 102 2.26 -39.44 4.53
CA ALA C 102 2.12 -39.31 5.98
C ALA C 102 1.76 -37.88 6.38
N ALA C 103 2.30 -36.88 5.65
CA ALA C 103 1.99 -35.49 5.97
C ALA C 103 0.53 -35.19 5.69
N LEU C 104 0.01 -35.72 4.59
CA LEU C 104 -1.41 -35.59 4.32
C LEU C 104 -2.21 -36.15 5.50
N ASN C 105 -1.82 -37.32 5.98
CA ASN C 105 -2.56 -37.95 7.05
C ASN C 105 -2.41 -37.18 8.34
N HIS C 106 -1.24 -36.57 8.57
CA HIS C 106 -1.05 -35.75 9.75
C HIS C 106 -2.06 -34.59 9.77
N MET C 107 -2.12 -33.83 8.67
CA MET C 107 -3.03 -32.68 8.60
C MET C 107 -4.47 -33.11 8.89
N ILE C 108 -4.88 -34.26 8.35
CA ILE C 108 -6.26 -34.67 8.46
C ILE C 108 -6.58 -35.12 9.87
N ASN C 109 -5.68 -35.87 10.51
CA ASN C 109 -6.01 -36.61 11.71
C ASN C 109 -5.26 -36.18 12.96
N ARG C 110 -4.12 -35.51 12.85
CA ARG C 110 -3.27 -35.30 14.01
C ARG C 110 -3.00 -33.84 14.30
N ALA C 111 -3.26 -32.93 13.38
CA ALA C 111 -3.09 -31.50 13.64
C ALA C 111 -4.19 -31.01 14.58
N SER C 112 -4.06 -29.76 15.00
CA SER C 112 -5.04 -29.14 15.89
C SER C 112 -6.43 -29.12 15.26
N SER C 113 -7.44 -28.99 16.13
CA SER C 113 -8.83 -28.77 15.70
C SER C 113 -8.94 -27.65 14.69
N THR C 114 -8.16 -26.59 14.87
CA THR C 114 -8.19 -25.46 13.94
C THR C 114 -7.83 -25.91 12.51
N VAL C 115 -6.82 -26.79 12.39
CA VAL C 115 -6.42 -27.23 11.06
C VAL C 115 -7.36 -28.31 10.54
N ARG C 116 -7.70 -29.30 11.38
CA ARG C 116 -8.48 -30.43 10.88
C ARG C 116 -9.85 -30.00 10.40
N SER C 117 -10.45 -29.01 11.05
CA SER C 117 -11.77 -28.56 10.60
C SER C 117 -11.72 -27.75 9.32
N ARG C 118 -10.54 -27.30 8.88
CA ARG C 118 -10.43 -26.53 7.65
C ARG C 118 -10.11 -27.39 6.42
N ILE C 119 -10.09 -28.71 6.57
CA ILE C 119 -9.69 -29.64 5.51
C ILE C 119 -10.90 -30.44 5.07
N ASP C 120 -11.14 -30.46 3.77
CA ASP C 120 -12.02 -31.47 3.19
C ASP C 120 -11.12 -32.64 2.82
N SER C 121 -11.10 -33.67 3.66
CA SER C 121 -10.11 -34.72 3.46
C SER C 121 -10.33 -35.54 2.19
N SER C 122 -11.38 -35.26 1.41
CA SER C 122 -11.62 -35.97 0.17
C SER C 122 -10.95 -35.33 -1.04
N ARG C 123 -10.39 -34.13 -0.89
CA ARG C 123 -9.78 -33.38 -1.98
C ARG C 123 -8.35 -33.05 -1.58
N LEU C 124 -7.42 -33.88 -2.04
CA LEU C 124 -6.01 -33.84 -1.66
C LEU C 124 -5.15 -33.65 -2.88
N ALA C 125 -4.00 -33.01 -2.69
CA ALA C 125 -3.03 -32.86 -3.78
C ALA C 125 -1.62 -32.91 -3.20
N VAL C 126 -0.67 -33.02 -4.12
CA VAL C 126 0.71 -33.33 -3.78
C VAL C 126 1.62 -32.58 -4.77
N MET C 127 2.72 -32.05 -4.25
CA MET C 127 3.66 -31.24 -5.00
C MET C 127 5.04 -31.46 -4.41
N GLY C 128 6.06 -31.13 -5.20
CA GLY C 128 7.42 -31.28 -4.71
C GLY C 128 8.49 -30.67 -5.58
N HIS C 129 9.60 -30.27 -4.96
CA HIS C 129 10.76 -29.78 -5.69
C HIS C 129 11.74 -30.92 -5.93
N ALA C 130 12.07 -31.16 -7.20
CA ALA C 130 13.19 -32.02 -7.63
C ALA C 130 12.92 -33.45 -7.17
N MET C 131 13.77 -34.06 -6.35
CA MET C 131 13.42 -35.38 -5.79
C MET C 131 12.04 -35.37 -5.14
N GLY C 132 11.67 -34.26 -4.51
CA GLY C 132 10.32 -34.15 -3.97
C GLY C 132 9.27 -34.13 -5.05
N GLY C 133 9.63 -33.63 -6.24
CA GLY C 133 8.71 -33.72 -7.37
C GLY C 133 8.61 -35.15 -7.89
N GLY C 134 9.73 -35.87 -7.91
CA GLY C 134 9.66 -37.29 -8.17
C GLY C 134 8.82 -38.03 -7.15
N GLY C 135 8.93 -37.63 -5.87
CA GLY C 135 8.06 -38.19 -4.84
C GLY C 135 6.60 -37.94 -5.13
N SER C 136 6.28 -36.77 -5.70
CA SER C 136 4.91 -36.44 -6.06
C SER C 136 4.38 -37.36 -7.15
N LEU C 137 5.22 -37.69 -8.14
CA LEU C 137 4.82 -38.60 -9.20
C LEU C 137 4.59 -40.00 -8.64
N ARG C 138 5.46 -40.45 -7.74
CA ARG C 138 5.29 -41.78 -7.16
C ARG C 138 3.96 -41.88 -6.41
N LEU C 139 3.67 -40.91 -5.53
CA LEU C 139 2.42 -40.96 -4.78
C LEU C 139 1.21 -40.86 -5.72
N ALA C 140 1.26 -39.97 -6.71
CA ALA C 140 0.16 -39.89 -7.66
C ALA C 140 -0.06 -41.22 -8.35
N SER C 141 1.04 -41.94 -8.62
CA SER C 141 0.94 -43.26 -9.21
C SER C 141 0.27 -44.26 -8.26
N GLN C 142 0.55 -44.15 -6.97
CA GLN C 142 -0.01 -45.06 -5.97
C GLN C 142 -1.41 -44.67 -5.49
N ARG C 143 -1.85 -43.44 -5.76
CA ARG C 143 -3.10 -42.91 -5.25
C ARG C 143 -3.85 -42.17 -6.34
N PRO C 144 -4.50 -42.90 -7.26
CA PRO C 144 -5.31 -42.21 -8.29
C PRO C 144 -6.44 -41.37 -7.71
N ASP C 145 -6.72 -41.49 -6.41
CA ASP C 145 -7.72 -40.62 -5.80
C ASP C 145 -7.20 -39.22 -5.49
N LEU C 146 -5.89 -39.01 -5.52
CA LEU C 146 -5.39 -37.65 -5.40
C LEU C 146 -5.96 -36.78 -6.51
N LYS C 147 -6.30 -35.54 -6.17
CA LYS C 147 -6.94 -34.67 -7.13
C LYS C 147 -5.93 -34.02 -8.06
N ALA C 148 -4.75 -33.67 -7.56
CA ALA C 148 -3.79 -32.96 -8.38
C ALA C 148 -2.38 -33.29 -7.92
N ALA C 149 -1.45 -33.34 -8.87
CA ALA C 149 -0.03 -33.49 -8.59
C ALA C 149 0.73 -32.47 -9.40
N ILE C 150 1.70 -31.82 -8.76
CA ILE C 150 2.47 -30.78 -9.43
C ILE C 150 3.95 -30.99 -9.12
N PRO C 151 4.66 -31.80 -9.89
CA PRO C 151 6.11 -31.95 -9.65
C PRO C 151 6.84 -30.74 -10.22
N LEU C 152 7.65 -30.10 -9.38
CA LEU C 152 8.40 -28.92 -9.79
C LEU C 152 9.84 -29.31 -10.04
N THR C 153 10.35 -28.97 -11.24
CA THR C 153 11.68 -29.38 -11.71
C THR C 153 12.00 -30.77 -11.19
N PRO C 154 11.16 -31.78 -11.48
CA PRO C 154 11.25 -33.06 -10.75
C PRO C 154 12.42 -33.93 -11.20
N TRP C 155 12.83 -34.80 -10.28
CA TRP C 155 13.92 -35.73 -10.47
C TRP C 155 13.45 -37.14 -10.08
N HIS C 156 13.61 -38.10 -11.00
CA HIS C 156 13.30 -39.50 -10.68
C HIS C 156 14.08 -40.41 -11.62
N LEU C 157 14.62 -41.52 -11.08
CA LEU C 157 15.29 -42.47 -11.98
C LEU C 157 14.29 -43.21 -12.86
N ASN C 158 13.07 -43.42 -12.38
CA ASN C 158 12.04 -44.05 -13.19
C ASN C 158 11.46 -43.03 -14.15
N LYS C 159 11.47 -43.34 -15.45
CA LYS C 159 10.99 -42.40 -16.44
C LYS C 159 9.58 -42.69 -16.94
N ASN C 160 9.02 -43.86 -16.62
CA ASN C 160 7.73 -44.28 -17.15
C ASN C 160 6.62 -44.06 -16.12
N TRP C 161 5.83 -43.01 -16.32
CA TRP C 161 4.71 -42.72 -15.44
C TRP C 161 3.38 -42.92 -16.14
N SER C 162 3.29 -43.99 -16.94
CA SER C 162 2.04 -44.35 -17.59
C SER C 162 1.01 -44.91 -16.62
N SER C 163 1.40 -45.21 -15.39
CA SER C 163 0.43 -45.66 -14.41
C SER C 163 -0.39 -44.51 -13.84
N VAL C 164 -0.04 -43.26 -14.13
CA VAL C 164 -0.58 -42.12 -13.41
C VAL C 164 -1.84 -41.63 -14.09
N THR C 165 -2.91 -41.46 -13.32
CA THR C 165 -4.16 -40.92 -13.87
C THR C 165 -4.57 -39.65 -13.17
N VAL C 166 -3.80 -39.21 -12.19
CA VAL C 166 -4.05 -37.97 -11.44
C VAL C 166 -3.76 -36.78 -12.34
N PRO C 167 -4.60 -35.74 -12.34
CA PRO C 167 -4.27 -34.52 -13.13
C PRO C 167 -2.94 -33.93 -12.68
N THR C 168 -1.98 -33.92 -13.60
CA THR C 168 -0.58 -33.67 -13.27
C THR C 168 -0.06 -32.53 -14.14
N LEU C 169 0.41 -31.45 -13.49
CA LEU C 169 1.13 -30.35 -14.14
C LEU C 169 2.60 -30.46 -13.78
N ILE C 170 3.45 -30.64 -14.79
CA ILE C 170 4.90 -30.74 -14.59
C ILE C 170 5.53 -29.42 -15.02
N ILE C 171 6.29 -28.81 -14.13
CA ILE C 171 6.96 -27.54 -14.40
C ILE C 171 8.46 -27.82 -14.49
N GLY C 172 9.05 -27.52 -15.64
CA GLY C 172 10.46 -27.72 -15.88
C GLY C 172 11.17 -26.39 -15.91
N ALA C 173 12.51 -26.47 -15.86
CA ALA C 173 13.38 -25.31 -15.99
C ALA C 173 14.37 -25.59 -17.11
N ASP C 174 14.37 -24.71 -18.13
CA ASP C 174 15.07 -25.00 -19.39
C ASP C 174 16.56 -25.21 -19.17
N LEU C 175 17.17 -24.51 -18.20
CA LEU C 175 18.59 -24.64 -17.93
C LEU C 175 18.86 -25.39 -16.63
N ASP C 176 17.94 -26.28 -16.25
CA ASP C 176 18.16 -27.18 -15.11
C ASP C 176 19.28 -28.17 -15.45
N THR C 177 20.31 -28.22 -14.60
CA THR C 177 21.44 -29.13 -14.79
C THR C 177 21.46 -30.30 -13.83
N ILE C 178 20.61 -30.25 -12.79
CA ILE C 178 20.49 -31.34 -11.82
C ILE C 178 19.52 -32.39 -12.29
N ALA C 179 18.31 -31.95 -12.66
CA ALA C 179 17.28 -32.76 -13.30
C ALA C 179 16.98 -32.16 -14.67
N PRO C 180 17.88 -32.34 -15.64
CA PRO C 180 17.64 -31.79 -16.99
C PRO C 180 16.29 -32.23 -17.53
N VAL C 181 15.59 -31.28 -18.17
CA VAL C 181 14.26 -31.57 -18.70
C VAL C 181 14.33 -32.63 -19.79
N ALA C 182 15.47 -32.75 -20.46
CA ALA C 182 15.60 -33.75 -21.51
C ALA C 182 15.51 -35.17 -20.95
N THR C 183 15.98 -35.39 -19.72
CA THR C 183 16.03 -36.72 -19.16
C THR C 183 15.13 -36.92 -17.96
N HIS C 184 14.42 -35.88 -17.51
CA HIS C 184 13.47 -36.02 -16.41
C HIS C 184 12.10 -35.49 -16.82
N ALA C 185 11.95 -34.16 -16.81
CA ALA C 185 10.64 -33.55 -16.96
C ALA C 185 9.93 -33.97 -18.24
N LYS C 186 10.65 -34.00 -19.36
CA LYS C 186 9.94 -34.28 -20.61
C LYS C 186 9.63 -35.77 -20.72
N PRO C 187 10.56 -36.69 -20.45
CA PRO C 187 10.16 -38.09 -20.40
C PRO C 187 9.03 -38.37 -19.42
N PHE C 188 9.01 -37.72 -18.24
CA PHE C 188 7.87 -37.88 -17.33
C PHE C 188 6.57 -37.45 -18.01
N TYR C 189 6.56 -36.24 -18.57
CA TYR C 189 5.34 -35.74 -19.21
C TYR C 189 4.91 -36.63 -20.37
N ASN C 190 5.86 -37.10 -21.18
CA ASN C 190 5.51 -37.81 -22.40
C ASN C 190 4.99 -39.21 -22.12
N SER C 191 5.39 -39.83 -21.00
CA SER C 191 4.91 -41.14 -20.63
C SER C 191 3.65 -41.11 -19.78
N LEU C 192 3.28 -39.95 -19.25
CA LEU C 192 1.94 -39.79 -18.70
C LEU C 192 0.93 -40.11 -19.78
N PRO C 193 -0.12 -40.89 -19.48
CA PRO C 193 -1.06 -41.26 -20.54
C PRO C 193 -1.64 -40.02 -21.20
N SER C 194 -1.93 -40.16 -22.50
CA SER C 194 -2.52 -39.04 -23.23
C SER C 194 -4.00 -38.83 -22.89
N SER C 195 -4.60 -39.69 -22.07
CA SER C 195 -6.02 -39.63 -21.74
C SER C 195 -6.33 -38.87 -20.45
N ILE C 196 -5.32 -38.48 -19.69
CA ILE C 196 -5.53 -37.79 -18.43
C ILE C 196 -5.41 -36.28 -18.63
N SER C 197 -5.70 -35.54 -17.59
CA SER C 197 -5.47 -34.09 -17.57
C SER C 197 -4.01 -33.88 -17.23
N LYS C 198 -3.27 -33.22 -18.11
CA LYS C 198 -1.85 -33.04 -17.84
C LYS C 198 -1.36 -31.84 -18.62
N ALA C 199 -0.25 -31.30 -18.16
CA ALA C 199 0.33 -30.11 -18.74
C ALA C 199 1.80 -30.08 -18.38
N TYR C 200 2.59 -29.53 -19.29
CA TYR C 200 4.01 -29.31 -19.10
C TYR C 200 4.29 -27.83 -19.36
N LEU C 201 4.80 -27.14 -18.34
CA LEU C 201 5.23 -25.76 -18.48
C LEU C 201 6.74 -25.71 -18.24
N GLU C 202 7.48 -25.18 -19.21
CA GLU C 202 8.92 -25.04 -19.07
C GLU C 202 9.24 -23.57 -18.82
N LEU C 203 9.72 -23.28 -17.63
CA LEU C 203 10.19 -21.94 -17.33
C LEU C 203 11.33 -21.55 -18.25
N ASP C 204 11.30 -20.29 -18.70
CA ASP C 204 12.31 -19.72 -19.59
C ASP C 204 13.44 -19.08 -18.78
N GLY C 205 14.67 -19.49 -19.07
CA GLY C 205 15.82 -18.93 -18.36
C GLY C 205 15.82 -19.23 -16.88
N ALA C 206 15.56 -20.48 -16.50
CA ALA C 206 15.44 -20.85 -15.11
C ALA C 206 16.29 -22.07 -14.84
N THR C 207 16.76 -22.18 -13.60
CA THR C 207 17.62 -23.29 -13.23
C THR C 207 16.88 -24.22 -12.29
N HIS C 208 17.62 -25.21 -11.79
CA HIS C 208 17.10 -26.10 -10.77
C HIS C 208 16.61 -25.35 -9.55
N PHE C 209 17.12 -24.14 -9.32
CA PHE C 209 16.82 -23.39 -8.10
C PHE C 209 15.56 -22.55 -8.22
N ALA C 210 15.04 -22.37 -9.44
CA ALA C 210 13.88 -21.52 -9.65
C ALA C 210 12.73 -21.80 -8.68
N PRO C 211 12.39 -23.05 -8.33
CA PRO C 211 11.25 -23.26 -7.42
C PRO C 211 11.50 -22.80 -5.99
N ASN C 212 12.74 -22.51 -5.61
CA ASN C 212 13.07 -22.07 -4.26
C ASN C 212 13.04 -20.55 -4.14
N ILE C 213 12.75 -19.86 -5.23
CA ILE C 213 12.72 -18.40 -5.31
C ILE C 213 11.29 -18.01 -5.64
N PRO C 214 10.66 -17.09 -4.90
CA PRO C 214 9.31 -16.64 -5.28
C PRO C 214 9.24 -16.29 -6.76
N ASN C 215 8.36 -17.00 -7.46
CA ASN C 215 8.30 -16.98 -8.91
C ASN C 215 6.85 -16.81 -9.31
N LYS C 216 6.55 -15.78 -10.09
CA LYS C 216 5.14 -15.49 -10.34
C LYS C 216 4.51 -16.47 -11.31
N ILE C 217 5.31 -17.11 -12.17
CA ILE C 217 4.78 -18.12 -13.09
C ILE C 217 4.43 -19.40 -12.34
N ILE C 218 5.34 -19.85 -11.47
CA ILE C 218 5.06 -21.02 -10.64
C ILE C 218 3.84 -20.77 -9.77
N GLY C 219 3.75 -19.59 -9.16
CA GLY C 219 2.60 -19.27 -8.34
C GLY C 219 1.31 -19.28 -9.14
N LYS C 220 1.31 -18.57 -10.27
CA LYS C 220 0.14 -18.49 -11.15
C LYS C 220 -0.39 -19.86 -11.53
N TYR C 221 0.48 -20.73 -12.06
CA TYR C 221 -0.01 -21.96 -12.67
C TYR C 221 -0.18 -23.09 -11.67
N SER C 222 0.58 -23.09 -10.57
CA SER C 222 0.28 -24.05 -9.50
C SER C 222 -1.07 -23.75 -8.85
N VAL C 223 -1.35 -22.49 -8.53
CA VAL C 223 -2.67 -22.17 -7.99
C VAL C 223 -3.76 -22.52 -9.01
N ALA C 224 -3.57 -22.09 -10.26
CA ALA C 224 -4.59 -22.33 -11.27
C ALA C 224 -4.83 -23.81 -11.46
N TRP C 225 -3.76 -24.62 -11.33
CA TRP C 225 -3.93 -26.07 -11.48
C TRP C 225 -4.65 -26.66 -10.28
N LEU C 226 -4.26 -26.26 -9.07
CA LEU C 226 -4.94 -26.75 -7.88
C LEU C 226 -6.40 -26.32 -7.87
N LYS C 227 -6.67 -25.04 -8.14
CA LYS C 227 -8.04 -24.56 -8.24
C LYS C 227 -8.86 -25.43 -9.17
N ARG C 228 -8.35 -25.68 -10.38
CA ARG C 228 -9.15 -26.33 -11.40
C ARG C 228 -9.49 -27.76 -10.99
N PHE C 229 -8.62 -28.42 -10.26
CA PHE C 229 -8.75 -29.86 -10.06
C PHE C 229 -9.03 -30.24 -8.63
N VAL C 230 -8.43 -29.54 -7.66
CA VAL C 230 -8.79 -29.76 -6.26
C VAL C 230 -10.20 -29.22 -5.99
N ASP C 231 -10.53 -28.05 -6.55
CA ASP C 231 -11.79 -27.37 -6.29
C ASP C 231 -12.81 -27.53 -7.42
N ASN C 232 -12.49 -28.29 -8.49
CA ASN C 232 -13.34 -28.35 -9.69
C ASN C 232 -13.73 -26.95 -10.15
N ASP C 233 -12.83 -26.00 -9.98
CA ASP C 233 -13.16 -24.59 -10.17
C ASP C 233 -12.84 -24.23 -11.62
N THR C 234 -13.88 -24.26 -12.47
CA THR C 234 -13.75 -24.00 -13.89
C THR C 234 -13.51 -22.54 -14.20
N ARG C 235 -13.58 -21.64 -13.22
CA ARG C 235 -13.11 -20.28 -13.45
C ARG C 235 -11.62 -20.23 -13.80
N TYR C 236 -10.84 -21.25 -13.45
CA TYR C 236 -9.41 -21.23 -13.73
C TYR C 236 -9.04 -21.97 -15.01
N THR C 237 -10.02 -22.53 -15.72
CA THR C 237 -9.71 -23.14 -17.01
C THR C 237 -9.05 -22.13 -17.95
N GLN C 238 -9.54 -20.88 -17.91
CA GLN C 238 -9.08 -19.87 -18.86
C GLN C 238 -7.58 -19.74 -18.87
N PHE C 239 -6.94 -19.98 -17.73
CA PHE C 239 -5.49 -19.84 -17.65
C PHE C 239 -4.74 -21.09 -18.09
N LEU C 240 -5.39 -22.25 -18.11
CA LEU C 240 -4.71 -23.50 -18.45
C LEU C 240 -4.95 -23.91 -19.90
N CYS C 241 -6.06 -23.47 -20.49
CA CYS C 241 -6.46 -23.88 -21.82
C CYS C 241 -6.81 -22.63 -22.62
N PRO C 242 -6.13 -22.34 -23.73
CA PRO C 242 -5.06 -23.14 -24.35
C PRO C 242 -3.70 -23.07 -23.62
N GLY C 243 -3.58 -22.12 -22.73
CA GLY C 243 -2.36 -21.87 -22.06
C GLY C 243 -1.49 -20.85 -22.74
N PRO C 244 -0.38 -20.54 -22.13
CA PRO C 244 0.60 -19.60 -22.66
C PRO C 244 1.26 -20.12 -23.93
N ARG C 245 1.12 -19.39 -25.00
CA ARG C 245 1.74 -19.81 -26.24
C ARG C 245 3.22 -19.92 -26.11
N ASP C 246 3.84 -20.91 -26.72
CA ASP C 246 5.28 -21.14 -26.58
C ASP C 246 6.17 -19.94 -26.85
N GLY C 247 6.78 -19.44 -25.80
CA GLY C 247 7.50 -18.18 -25.86
C GLY C 247 6.95 -16.98 -25.10
N LEU C 248 5.71 -17.08 -24.59
CA LEU C 248 5.02 -15.96 -23.92
C LEU C 248 5.86 -15.24 -22.95
N PHE C 249 6.09 -13.97 -23.31
CA PHE C 249 6.86 -13.00 -22.56
C PHE C 249 8.35 -13.16 -22.44
N GLY C 250 8.92 -14.19 -23.02
CA GLY C 250 10.17 -14.70 -22.57
C GLY C 250 10.08 -15.43 -21.27
N GLU C 251 8.91 -15.64 -20.75
CA GLU C 251 8.74 -16.25 -19.43
C GLU C 251 8.48 -17.74 -19.49
N VAL C 252 7.77 -18.20 -20.51
CA VAL C 252 7.51 -19.62 -20.73
C VAL C 252 8.17 -20.02 -22.05
N GLU C 253 9.11 -20.96 -22.01
CA GLU C 253 9.67 -21.38 -23.28
C GLU C 253 8.82 -22.46 -23.96
N GLU C 254 7.97 -23.17 -23.21
CA GLU C 254 7.18 -24.25 -23.80
C GLU C 254 6.00 -24.57 -22.88
N TYR C 255 4.83 -24.78 -23.47
CA TYR C 255 3.65 -25.24 -22.74
C TYR C 255 2.91 -26.26 -23.59
N ARG C 256 2.59 -27.40 -22.99
CA ARG C 256 1.94 -28.54 -23.62
C ARG C 256 0.79 -28.95 -22.72
N SER C 257 -0.34 -29.34 -23.29
CA SER C 257 -1.49 -29.72 -22.46
C SER C 257 -2.36 -30.72 -23.20
N THR C 258 -3.26 -31.37 -22.46
CA THR C 258 -4.31 -32.18 -23.06
C THR C 258 -5.65 -31.46 -23.01
N CYS C 259 -5.62 -30.13 -23.03
CA CYS C 259 -6.83 -29.35 -23.15
C CYS C 259 -7.63 -29.84 -24.35
N PRO C 260 -8.98 -29.93 -24.25
CA PRO C 260 -9.79 -29.57 -23.08
C PRO C 260 -9.86 -30.69 -22.05
N PHE C 261 -10.06 -30.35 -20.79
CA PHE C 261 -10.08 -31.32 -19.70
C PHE C 261 -11.50 -31.84 -19.45
N MET D 1 16.80 26.69 10.46
CA MET D 1 18.12 27.31 10.65
C MET D 1 19.00 27.20 9.40
N ASN D 2 18.99 26.02 8.77
CA ASN D 2 19.64 25.83 7.48
C ASN D 2 18.59 25.96 6.39
N PRO D 3 18.57 27.06 5.63
CA PRO D 3 17.45 27.31 4.71
C PRO D 3 17.39 26.38 3.52
N TYR D 4 18.35 25.48 3.34
CA TYR D 4 18.34 24.62 2.19
C TYR D 4 17.78 23.24 2.50
N GLU D 5 17.48 22.97 3.77
CA GLU D 5 16.93 21.67 4.16
C GLU D 5 15.59 21.42 3.50
N ARG D 6 15.38 20.18 3.07
CA ARG D 6 14.12 19.74 2.50
C ARG D 6 13.82 18.35 2.99
N GLY D 7 12.53 18.05 3.14
CA GLY D 7 12.10 16.72 3.48
C GLY D 7 12.23 16.36 4.94
N PRO D 8 11.55 15.29 5.35
CA PRO D 8 11.60 14.85 6.74
C PRO D 8 12.98 14.32 7.09
N ASN D 9 13.14 13.99 8.37
CA ASN D 9 14.40 13.45 8.86
C ASN D 9 14.67 12.10 8.19
N PRO D 10 15.89 11.83 7.77
CA PRO D 10 16.17 10.60 7.04
C PRO D 10 16.42 9.40 7.93
N THR D 11 16.15 8.23 7.36
CA THR D 11 16.50 6.93 7.93
C THR D 11 17.03 6.05 6.80
N ASP D 12 17.57 4.89 7.17
CA ASP D 12 17.98 3.91 6.16
C ASP D 12 16.79 3.45 5.33
N ALA D 13 15.65 3.18 5.97
CA ALA D 13 14.45 2.79 5.23
C ALA D 13 14.02 3.88 4.25
N LEU D 14 13.99 5.13 4.70
CA LEU D 14 13.53 6.17 3.79
C LEU D 14 14.49 6.35 2.63
N LEU D 15 15.80 6.16 2.86
CA LEU D 15 16.75 6.33 1.78
C LEU D 15 16.79 5.15 0.84
N GLU D 16 16.38 3.97 1.29
CA GLU D 16 16.48 2.78 0.44
C GLU D 16 15.21 2.47 -0.33
N ALA D 17 14.11 3.16 -0.06
CA ALA D 17 12.84 2.90 -0.72
C ALA D 17 12.85 3.41 -2.16
N ARG D 18 12.01 2.79 -2.98
CA ARG D 18 11.91 3.15 -4.40
C ARG D 18 11.84 4.66 -4.61
N SER D 19 11.11 5.36 -3.76
CA SER D 19 10.91 6.79 -3.96
C SER D 19 10.96 7.52 -2.63
N GLY D 20 11.42 8.78 -2.68
CA GLY D 20 11.43 9.65 -1.53
C GLY D 20 10.08 10.34 -1.30
N PRO D 21 10.06 11.37 -0.44
CA PRO D 21 8.78 11.93 0.01
C PRO D 21 8.13 12.93 -0.96
N PHE D 22 8.86 13.47 -1.94
CA PHE D 22 8.34 14.51 -2.83
C PHE D 22 7.74 13.90 -4.09
N SER D 23 6.54 14.34 -4.45
CA SER D 23 5.97 13.97 -5.73
C SER D 23 6.75 14.63 -6.87
N VAL D 24 6.79 13.95 -8.01
CA VAL D 24 7.66 14.33 -9.12
C VAL D 24 6.85 14.49 -10.39
N SER D 25 7.09 15.57 -11.10
CA SER D 25 6.56 15.75 -12.45
C SER D 25 7.72 15.89 -13.44
N GLU D 26 7.38 15.83 -14.72
CA GLU D 26 8.40 15.73 -15.76
C GLU D 26 8.20 16.80 -16.82
N GLU D 27 9.30 17.15 -17.48
CA GLU D 27 9.28 18.06 -18.60
C GLU D 27 10.30 17.56 -19.62
N ASN D 28 9.81 17.32 -20.84
CA ASN D 28 10.66 16.92 -21.95
C ASN D 28 11.55 18.08 -22.40
N VAL D 29 12.80 17.77 -22.73
CA VAL D 29 13.65 18.68 -23.48
C VAL D 29 13.92 18.02 -24.82
N SER D 30 13.35 18.60 -25.87
CA SER D 30 13.58 18.07 -27.21
C SER D 30 15.01 18.35 -27.66
N ARG D 31 15.49 17.52 -28.58
CA ARG D 31 16.83 17.74 -29.14
C ARG D 31 16.94 19.11 -29.80
N LEU D 32 15.95 19.45 -30.64
CA LEU D 32 15.87 20.76 -31.27
C LEU D 32 15.99 21.88 -30.26
N SER D 33 15.28 21.77 -29.15
CA SER D 33 15.33 22.81 -28.14
C SER D 33 16.65 22.81 -27.38
N ALA D 34 17.29 21.66 -27.21
CA ALA D 34 18.52 21.59 -26.44
C ALA D 34 19.67 22.21 -27.22
N SER D 35 20.40 23.09 -26.55
CA SER D 35 21.62 23.71 -27.08
C SER D 35 22.82 23.12 -26.37
N GLY D 36 23.68 22.43 -27.12
CA GLY D 36 24.90 21.87 -26.56
C GLY D 36 24.76 20.51 -25.93
N PHE D 37 23.59 19.88 -26.02
CA PHE D 37 23.41 18.49 -25.62
C PHE D 37 22.28 17.92 -26.44
N GLY D 38 21.85 16.70 -26.11
CA GLY D 38 20.94 15.99 -26.98
C GLY D 38 19.49 16.08 -26.60
N GLY D 39 19.12 16.90 -25.63
CA GLY D 39 17.81 16.86 -25.04
C GLY D 39 17.80 15.96 -23.82
N GLY D 40 16.60 15.70 -23.32
CA GLY D 40 16.45 14.83 -22.17
C GLY D 40 15.13 15.06 -21.47
N THR D 41 15.10 14.64 -20.20
CA THR D 41 13.93 14.70 -19.34
C THR D 41 14.32 15.37 -18.03
N ILE D 42 13.57 16.41 -17.65
CA ILE D 42 13.75 17.08 -16.37
C ILE D 42 12.72 16.51 -15.40
N TYR D 43 13.19 16.05 -14.24
CA TYR D 43 12.34 15.63 -13.13
C TYR D 43 12.40 16.69 -12.04
N TYR D 44 11.25 17.16 -11.59
CA TYR D 44 11.22 18.20 -10.57
C TYR D 44 10.14 17.93 -9.54
N PRO D 45 10.34 18.40 -8.34
CA PRO D 45 9.31 18.34 -7.33
C PRO D 45 8.12 19.24 -7.62
N ARG D 46 6.94 18.71 -7.46
CA ARG D 46 5.72 19.48 -7.54
C ARG D 46 5.60 20.54 -6.49
N GLU D 47 6.05 20.26 -5.30
CA GLU D 47 5.96 21.23 -4.29
C GLU D 47 6.82 22.43 -4.58
N ASN D 48 6.22 23.60 -4.49
CA ASN D 48 6.97 24.79 -4.89
C ASN D 48 7.92 25.20 -3.79
N ASN D 49 9.17 25.42 -4.18
CA ASN D 49 10.31 25.76 -3.34
C ASN D 49 11.50 25.78 -4.27
N THR D 50 12.68 26.17 -3.79
CA THR D 50 13.86 26.05 -4.60
C THR D 50 14.65 24.85 -4.13
N TYR D 51 15.28 24.16 -5.08
CA TYR D 51 16.04 22.95 -4.83
C TYR D 51 17.33 23.02 -5.63
N GLY D 52 18.32 22.24 -5.19
CA GLY D 52 19.52 22.08 -6.01
C GLY D 52 19.20 21.41 -7.33
N ALA D 53 20.04 21.66 -8.32
CA ALA D 53 19.84 21.11 -9.66
C ALA D 53 20.98 20.16 -10.03
N VAL D 54 20.61 19.03 -10.63
CA VAL D 54 21.51 17.92 -10.89
C VAL D 54 21.35 17.50 -12.34
N ALA D 55 22.48 17.35 -13.05
CA ALA D 55 22.50 16.84 -14.41
C ALA D 55 23.18 15.48 -14.43
N ILE D 56 22.60 14.54 -15.17
CA ILE D 56 23.10 13.17 -15.20
C ILE D 56 23.33 12.76 -16.64
N SER D 57 24.50 12.18 -16.91
CA SER D 57 24.89 11.75 -18.24
C SER D 57 24.95 10.23 -18.34
N PRO D 58 24.41 9.64 -19.42
CA PRO D 58 24.60 8.20 -19.66
C PRO D 58 25.99 7.93 -20.18
N GLY D 59 26.27 6.67 -20.47
CA GLY D 59 27.55 6.27 -21.02
C GLY D 59 27.52 6.10 -22.54
N TYR D 60 28.70 5.73 -23.05
CA TYR D 60 28.98 5.37 -24.43
C TYR D 60 27.88 4.52 -25.04
N THR D 61 27.29 5.02 -26.12
CA THR D 61 26.20 4.43 -26.90
C THR D 61 24.86 4.50 -26.20
N GLY D 62 24.79 5.06 -24.99
CA GLY D 62 23.61 4.99 -24.18
C GLY D 62 22.76 6.24 -24.30
N THR D 63 21.56 6.17 -23.73
CA THR D 63 20.61 7.27 -23.75
C THR D 63 20.03 7.45 -22.36
N GLU D 64 19.21 8.50 -22.23
CA GLU D 64 18.59 8.82 -20.95
C GLU D 64 17.81 7.64 -20.37
N ALA D 65 17.38 6.71 -21.23
CA ALA D 65 16.61 5.57 -20.74
C ALA D 65 17.43 4.67 -19.81
N SER D 66 18.73 4.57 -20.03
CA SER D 66 19.54 3.76 -19.12
C SER D 66 19.75 4.42 -17.75
N ILE D 67 19.30 5.66 -17.57
CA ILE D 67 19.48 6.32 -16.27
C ILE D 67 18.17 6.99 -15.84
N ALA D 68 17.07 6.65 -16.51
CA ALA D 68 15.78 7.23 -16.16
C ALA D 68 15.46 7.09 -14.67
N TRP D 69 15.64 5.88 -14.12
CA TRP D 69 15.22 5.62 -12.73
C TRP D 69 15.95 6.52 -11.75
N LEU D 70 17.15 6.96 -12.10
CA LEU D 70 17.92 7.83 -11.23
C LEU D 70 17.31 9.22 -11.16
N GLY D 71 16.80 9.73 -12.28
CA GLY D 71 16.20 11.05 -12.25
C GLY D 71 14.97 11.11 -11.36
N GLU D 72 14.07 10.15 -11.52
CA GLU D 72 12.91 10.06 -10.66
C GLU D 72 13.31 9.87 -9.19
N ARG D 73 14.23 8.92 -8.94
CA ARG D 73 14.65 8.58 -7.57
C ARG D 73 15.21 9.81 -6.83
N ILE D 74 16.16 10.50 -7.45
CA ILE D 74 16.78 11.65 -6.78
C ILE D 74 15.82 12.83 -6.74
N ALA D 75 15.01 13.04 -7.78
CA ALA D 75 14.07 14.17 -7.74
C ALA D 75 13.03 14.03 -6.64
N SER D 76 12.63 12.80 -6.32
CA SER D 76 11.65 12.55 -5.27
C SER D 76 12.21 12.81 -3.88
N HIS D 77 13.52 12.99 -3.74
CA HIS D 77 14.11 13.40 -2.47
C HIS D 77 14.41 14.89 -2.43
N GLY D 78 13.80 15.70 -3.30
CA GLY D 78 13.97 17.14 -3.26
C GLY D 78 15.08 17.74 -4.11
N PHE D 79 15.03 17.50 -5.43
CA PHE D 79 16.04 17.98 -6.37
C PHE D 79 15.40 18.14 -7.75
N VAL D 80 15.88 19.10 -8.51
CA VAL D 80 15.57 19.20 -9.94
C VAL D 80 16.69 18.51 -10.72
N VAL D 81 16.33 17.50 -11.50
CA VAL D 81 17.29 16.59 -12.13
C VAL D 81 16.98 16.49 -13.61
N ILE D 82 18.00 16.64 -14.45
CA ILE D 82 17.87 16.37 -15.87
C ILE D 82 18.69 15.12 -16.21
N THR D 83 18.06 14.23 -16.91
CA THR D 83 18.67 13.01 -17.44
C THR D 83 18.86 13.27 -18.95
N ILE D 84 20.10 13.34 -19.40
CA ILE D 84 20.34 13.90 -20.74
C ILE D 84 20.53 12.80 -21.77
N ASP D 85 20.30 13.17 -23.03
CA ASP D 85 20.87 12.49 -24.18
C ASP D 85 22.07 13.31 -24.65
N THR D 86 23.07 12.63 -25.19
CA THR D 86 24.20 13.36 -25.75
C THR D 86 23.96 13.63 -27.24
N ILE D 87 24.80 14.52 -27.79
CA ILE D 87 24.65 14.93 -29.19
C ILE D 87 24.78 13.74 -30.13
N THR D 88 25.74 12.84 -29.87
CA THR D 88 25.78 11.54 -30.52
C THR D 88 26.05 10.49 -29.45
N THR D 89 25.71 9.24 -29.76
CA THR D 89 25.92 8.20 -28.76
C THR D 89 27.38 7.96 -28.46
N LEU D 90 28.28 8.36 -29.36
CA LEU D 90 29.70 8.03 -29.25
C LEU D 90 30.54 9.15 -28.69
N ASP D 91 29.92 10.23 -28.19
CA ASP D 91 30.70 11.32 -27.62
C ASP D 91 31.55 10.81 -26.45
N GLN D 92 32.75 11.37 -26.33
CA GLN D 92 33.74 10.97 -25.35
C GLN D 92 33.51 11.69 -24.02
N PRO D 93 34.18 11.24 -22.93
CA PRO D 93 33.94 11.89 -21.63
C PRO D 93 34.06 13.40 -21.63
N ASP D 94 35.14 13.96 -22.18
CA ASP D 94 35.33 15.40 -22.07
C ASP D 94 34.21 16.18 -22.77
N SER D 95 33.65 15.61 -23.84
CA SER D 95 32.51 16.22 -24.51
C SER D 95 31.25 16.12 -23.66
N ARG D 96 31.08 14.99 -22.95
CA ARG D 96 29.95 14.85 -22.03
C ARG D 96 30.05 15.86 -20.88
N ALA D 97 31.26 16.26 -20.53
CA ALA D 97 31.43 17.32 -19.54
C ALA D 97 30.81 18.61 -20.05
N GLU D 98 31.13 18.98 -21.30
CA GLU D 98 30.52 20.18 -21.88
C GLU D 98 29.01 20.03 -21.96
N GLN D 99 28.52 18.81 -22.21
CA GLN D 99 27.10 18.61 -22.39
C GLN D 99 26.35 18.59 -21.05
N LEU D 100 26.97 18.06 -20.00
CA LEU D 100 26.41 18.21 -18.66
C LEU D 100 26.30 19.68 -18.29
N ASN D 101 27.31 20.47 -18.64
CA ASN D 101 27.27 21.91 -18.39
C ASN D 101 26.09 22.56 -19.11
N ALA D 102 25.93 22.24 -20.39
CA ALA D 102 24.84 22.84 -21.16
C ALA D 102 23.48 22.43 -20.62
N ALA D 103 23.36 21.21 -20.07
CA ALA D 103 22.10 20.78 -19.48
C ALA D 103 21.79 21.55 -18.21
N LEU D 104 22.81 21.81 -17.40
CA LEU D 104 22.60 22.66 -16.24
C LEU D 104 22.10 24.02 -16.67
N ASN D 105 22.75 24.60 -17.69
CA ASN D 105 22.36 25.92 -18.13
C ASN D 105 20.97 25.92 -18.75
N HIS D 106 20.61 24.83 -19.44
CA HIS D 106 19.25 24.73 -19.98
C HIS D 106 18.24 24.79 -18.85
N MET D 107 18.45 24.01 -17.78
CA MET D 107 17.48 23.96 -16.69
C MET D 107 17.28 25.33 -16.07
N ILE D 108 18.37 26.10 -15.95
CA ILE D 108 18.30 27.36 -15.23
C ILE D 108 17.62 28.43 -16.08
N ASN D 109 17.87 28.44 -17.39
CA ASN D 109 17.51 29.58 -18.21
C ASN D 109 16.53 29.31 -19.33
N ARG D 110 16.34 28.05 -19.73
CA ARG D 110 15.59 27.76 -20.94
C ARG D 110 14.40 26.83 -20.75
N ALA D 111 14.30 26.15 -19.61
CA ALA D 111 13.14 25.31 -19.32
C ALA D 111 11.93 26.19 -18.99
N SER D 112 10.79 25.55 -18.77
CA SER D 112 9.59 26.27 -18.40
C SER D 112 9.78 27.00 -17.07
N SER D 113 8.94 28.02 -16.86
CA SER D 113 8.97 28.77 -15.60
C SER D 113 8.70 27.87 -14.41
N THR D 114 7.89 26.83 -14.59
CA THR D 114 7.67 25.83 -13.54
C THR D 114 9.00 25.21 -13.10
N VAL D 115 9.85 24.86 -14.06
CA VAL D 115 11.14 24.27 -13.73
C VAL D 115 12.09 25.34 -13.20
N ARG D 116 12.17 26.48 -13.89
CA ARG D 116 13.17 27.49 -13.54
C ARG D 116 12.93 28.09 -12.16
N SER D 117 11.67 28.31 -11.79
CA SER D 117 11.41 28.85 -10.46
C SER D 117 11.71 27.84 -9.35
N ARG D 118 11.84 26.56 -9.66
CA ARG D 118 12.12 25.53 -8.67
C ARG D 118 13.60 25.27 -8.45
N ILE D 119 14.48 26.01 -9.13
CA ILE D 119 15.92 25.78 -9.10
C ILE D 119 16.59 26.89 -8.30
N ASP D 120 17.40 26.52 -7.33
CA ASP D 120 18.39 27.44 -6.77
C ASP D 120 19.62 27.35 -7.67
N SER D 121 19.81 28.32 -8.56
CA SER D 121 20.86 28.14 -9.55
C SER D 121 22.26 28.21 -8.95
N SER D 122 22.41 28.39 -7.64
CA SER D 122 23.71 28.47 -7.02
C SER D 122 24.18 27.14 -6.43
N ARG D 123 23.32 26.14 -6.39
CA ARG D 123 23.63 24.83 -5.82
C ARG D 123 23.41 23.79 -6.91
N LEU D 124 24.50 23.41 -7.57
CA LEU D 124 24.49 22.55 -8.75
C LEU D 124 25.30 21.28 -8.48
N ALA D 125 24.88 20.18 -9.09
CA ALA D 125 25.66 18.96 -8.98
C ALA D 125 25.59 18.20 -10.29
N VAL D 126 26.54 17.27 -10.45
CA VAL D 126 26.76 16.58 -11.72
C VAL D 126 27.03 15.09 -11.42
N MET D 127 26.48 14.21 -12.25
CA MET D 127 26.60 12.76 -12.07
C MET D 127 26.64 12.13 -13.45
N GLY D 128 27.05 10.87 -13.48
CA GLY D 128 27.11 10.17 -14.73
C GLY D 128 27.43 8.69 -14.64
N HIS D 129 26.92 7.93 -15.60
CA HIS D 129 27.26 6.52 -15.72
C HIS D 129 28.44 6.35 -16.67
N ALA D 130 29.53 5.78 -16.18
CA ALA D 130 30.67 5.28 -16.99
C ALA D 130 31.34 6.46 -17.70
N MET D 131 31.36 6.51 -19.03
CA MET D 131 31.90 7.70 -19.69
C MET D 131 31.19 8.96 -19.21
N GLY D 132 29.90 8.85 -18.88
CA GLY D 132 29.21 9.96 -18.27
C GLY D 132 29.74 10.27 -16.88
N GLY D 133 30.23 9.25 -16.17
CA GLY D 133 30.93 9.51 -14.93
C GLY D 133 32.25 10.21 -15.16
N GLY D 134 32.98 9.80 -16.20
CA GLY D 134 34.17 10.54 -16.61
C GLY D 134 33.84 11.97 -16.97
N GLY D 135 32.67 12.19 -17.60
CA GLY D 135 32.22 13.55 -17.84
C GLY D 135 32.02 14.34 -16.55
N SER D 136 31.45 13.68 -15.53
CA SER D 136 31.28 14.31 -14.21
C SER D 136 32.61 14.77 -13.63
N LEU D 137 33.62 13.90 -13.64
CA LEU D 137 34.92 14.27 -13.11
C LEU D 137 35.51 15.44 -13.90
N ARG D 138 35.39 15.38 -15.23
CA ARG D 138 35.92 16.46 -16.06
C ARG D 138 35.25 17.78 -15.71
N LEU D 139 33.92 17.82 -15.66
CA LEU D 139 33.24 19.07 -15.35
C LEU D 139 33.55 19.55 -13.93
N ALA D 140 33.64 18.64 -12.96
CA ALA D 140 34.00 19.06 -11.61
C ALA D 140 35.39 19.66 -11.59
N SER D 141 36.31 19.07 -12.36
CA SER D 141 37.64 19.65 -12.54
C SER D 141 37.56 21.09 -13.02
N GLN D 142 36.70 21.35 -14.01
CA GLN D 142 36.58 22.67 -14.63
C GLN D 142 35.74 23.66 -13.84
N ARG D 143 34.89 23.19 -12.91
CA ARG D 143 33.95 24.05 -12.19
C ARG D 143 33.97 23.75 -10.70
N PRO D 144 35.00 24.22 -9.97
CA PRO D 144 35.05 23.98 -8.52
C PRO D 144 33.87 24.55 -7.75
N ASP D 145 33.04 25.38 -8.37
CA ASP D 145 31.83 25.87 -7.71
C ASP D 145 30.72 24.83 -7.67
N LEU D 146 30.83 23.75 -8.46
CA LEU D 146 29.85 22.68 -8.34
C LEU D 146 29.81 22.19 -6.91
N LYS D 147 28.60 21.91 -6.41
CA LYS D 147 28.48 21.49 -5.03
C LYS D 147 28.80 20.03 -4.83
N ALA D 148 28.51 19.19 -5.82
CA ALA D 148 28.79 17.77 -5.67
C ALA D 148 28.96 17.14 -7.04
N ALA D 149 29.79 16.09 -7.10
CA ALA D 149 29.89 15.22 -8.27
C ALA D 149 29.83 13.77 -7.83
N ILE D 150 29.13 12.95 -8.59
CA ILE D 150 28.95 11.54 -8.25
C ILE D 150 29.17 10.68 -9.50
N PRO D 151 30.41 10.31 -9.82
CA PRO D 151 30.65 9.41 -10.97
C PRO D 151 30.28 7.97 -10.63
N LEU D 152 29.43 7.36 -11.46
CA LEU D 152 28.97 6.00 -11.24
C LEU D 152 29.68 5.08 -12.23
N THR D 153 30.29 4.01 -11.70
CA THR D 153 31.18 3.11 -12.47
C THR D 153 31.92 3.89 -13.55
N PRO D 154 32.70 4.92 -13.19
CA PRO D 154 33.16 5.90 -14.20
C PRO D 154 34.27 5.37 -15.08
N TRP D 155 34.34 5.93 -16.29
CA TRP D 155 35.34 5.60 -17.30
C TRP D 155 35.99 6.89 -17.80
N HIS D 156 37.33 6.95 -17.74
CA HIS D 156 38.08 8.06 -18.31
C HIS D 156 39.52 7.63 -18.58
N LEU D 157 40.07 8.09 -19.71
CA LEU D 157 41.47 7.77 -19.99
C LEU D 157 42.40 8.57 -19.09
N ASN D 158 41.96 9.73 -18.61
CA ASN D 158 42.75 10.51 -17.67
C ASN D 158 42.56 9.96 -16.26
N LYS D 159 43.67 9.61 -15.61
CA LYS D 159 43.58 9.01 -14.28
C LYS D 159 43.88 10.01 -13.18
N ASN D 160 44.50 11.15 -13.49
CA ASN D 160 44.93 12.13 -12.50
C ASN D 160 43.85 13.18 -12.31
N TRP D 161 43.15 13.13 -11.18
CA TRP D 161 42.08 14.08 -10.88
C TRP D 161 42.42 14.96 -9.68
N SER D 162 43.71 15.28 -9.51
CA SER D 162 44.12 16.14 -8.40
C SER D 162 43.64 17.58 -8.56
N SER D 163 43.16 17.94 -9.74
CA SER D 163 42.62 19.28 -9.96
C SER D 163 41.27 19.48 -9.27
N VAL D 164 40.62 18.40 -8.85
CA VAL D 164 39.21 18.45 -8.44
C VAL D 164 39.12 18.80 -6.97
N THR D 165 38.28 19.79 -6.65
CA THR D 165 38.01 20.16 -5.26
C THR D 165 36.54 20.07 -4.92
N VAL D 166 35.71 19.66 -5.87
CA VAL D 166 34.28 19.46 -5.65
C VAL D 166 34.09 18.22 -4.79
N PRO D 167 33.18 18.23 -3.80
CA PRO D 167 32.91 17.01 -3.02
C PRO D 167 32.41 15.89 -3.92
N THR D 168 33.15 14.78 -3.94
CA THR D 168 33.01 13.76 -4.98
C THR D 168 32.85 12.39 -4.35
N LEU D 169 31.77 11.68 -4.72
CA LEU D 169 31.53 10.29 -4.32
C LEU D 169 31.69 9.40 -5.55
N ILE D 170 32.73 8.58 -5.58
CA ILE D 170 32.91 7.61 -6.66
C ILE D 170 32.25 6.31 -6.24
N ILE D 171 31.37 5.79 -7.09
CA ILE D 171 30.78 4.47 -6.87
C ILE D 171 31.34 3.52 -7.93
N GLY D 172 32.04 2.48 -7.47
CA GLY D 172 32.59 1.47 -8.34
C GLY D 172 31.75 0.20 -8.30
N ALA D 173 32.07 -0.72 -9.20
CA ALA D 173 31.44 -2.04 -9.23
C ALA D 173 32.54 -3.09 -9.29
N ASP D 174 32.62 -3.95 -8.28
CA ASP D 174 33.78 -4.83 -8.11
C ASP D 174 34.03 -5.68 -9.35
N LEU D 175 32.97 -6.15 -10.01
CA LEU D 175 33.11 -6.98 -11.19
C LEU D 175 32.88 -6.21 -12.49
N ASP D 176 33.10 -4.90 -12.48
CA ASP D 176 33.05 -4.12 -13.71
C ASP D 176 34.18 -4.56 -14.65
N THR D 177 33.82 -4.95 -15.87
CA THR D 177 34.81 -5.34 -16.86
C THR D 177 35.00 -4.29 -17.94
N ILE D 178 34.07 -3.35 -18.07
CA ILE D 178 34.18 -2.28 -19.05
C ILE D 178 35.12 -1.21 -18.53
N ALA D 179 34.87 -0.75 -17.31
CA ALA D 179 35.68 0.26 -16.64
C ALA D 179 36.12 -0.30 -15.29
N PRO D 180 37.06 -1.24 -15.29
CA PRO D 180 37.44 -1.93 -14.06
C PRO D 180 37.91 -0.96 -12.98
N VAL D 181 37.54 -1.26 -11.73
CA VAL D 181 37.90 -0.35 -10.64
C VAL D 181 39.41 -0.27 -10.48
N ALA D 182 40.14 -1.30 -10.91
CA ALA D 182 41.59 -1.27 -10.78
C ALA D 182 42.21 -0.15 -11.60
N THR D 183 41.66 0.11 -12.79
CA THR D 183 42.26 1.10 -13.68
C THR D 183 41.43 2.36 -13.85
N HIS D 184 40.24 2.44 -13.24
CA HIS D 184 39.41 3.63 -13.39
C HIS D 184 39.03 4.18 -12.03
N ALA D 185 37.96 3.64 -11.44
CA ALA D 185 37.40 4.16 -10.19
C ALA D 185 38.46 4.36 -9.11
N LYS D 186 39.29 3.35 -8.84
CA LYS D 186 40.23 3.51 -7.74
C LYS D 186 41.33 4.50 -8.07
N PRO D 187 42.00 4.43 -9.22
CA PRO D 187 42.95 5.50 -9.55
C PRO D 187 42.34 6.89 -9.51
N PHE D 188 41.07 7.03 -9.94
CA PHE D 188 40.38 8.32 -9.84
C PHE D 188 40.28 8.77 -8.38
N TYR D 189 39.78 7.90 -7.50
CA TYR D 189 39.63 8.28 -6.10
C TYR D 189 40.98 8.60 -5.48
N ASN D 190 42.00 7.78 -5.78
CA ASN D 190 43.29 7.96 -5.13
C ASN D 190 43.98 9.25 -5.54
N SER D 191 43.73 9.73 -6.76
CA SER D 191 44.35 10.98 -7.23
C SER D 191 43.56 12.22 -6.84
N LEU D 192 42.28 12.07 -6.48
CA LEU D 192 41.58 13.17 -5.85
C LEU D 192 42.37 13.63 -4.64
N PRO D 193 42.52 14.94 -4.41
CA PRO D 193 43.31 15.41 -3.28
C PRO D 193 42.79 14.83 -1.98
N SER D 194 43.71 14.56 -1.06
CA SER D 194 43.30 14.06 0.24
C SER D 194 42.60 15.10 1.09
N SER D 195 42.61 16.38 0.67
CA SER D 195 42.11 17.49 1.46
C SER D 195 40.65 17.85 1.19
N ILE D 196 40.01 17.26 0.18
CA ILE D 196 38.62 17.60 -0.14
C ILE D 196 37.68 16.59 0.52
N SER D 197 36.37 16.78 0.36
CA SER D 197 35.39 15.77 0.76
C SER D 197 35.26 14.77 -0.37
N LYS D 198 35.57 13.51 -0.10
CA LYS D 198 35.48 12.48 -1.13
C LYS D 198 35.14 11.17 -0.45
N ALA D 199 34.62 10.24 -1.23
CA ALA D 199 34.24 8.93 -0.74
C ALA D 199 34.21 7.97 -1.91
N TYR D 200 34.62 6.72 -1.66
CA TYR D 200 34.64 5.66 -2.65
C TYR D 200 33.81 4.50 -2.13
N LEU D 201 32.71 4.19 -2.81
CA LEU D 201 31.88 3.05 -2.48
C LEU D 201 31.97 2.04 -3.60
N GLU D 202 32.42 0.84 -3.29
CA GLU D 202 32.47 -0.24 -4.27
C GLU D 202 31.29 -1.18 -4.02
N LEU D 203 30.40 -1.25 -4.98
CA LEU D 203 29.30 -2.20 -4.91
C LEU D 203 29.84 -3.63 -4.96
N ASP D 204 29.17 -4.50 -4.22
CA ASP D 204 29.58 -5.88 -4.01
C ASP D 204 28.81 -6.78 -4.98
N GLY D 205 29.55 -7.52 -5.81
CA GLY D 205 28.90 -8.38 -6.78
C GLY D 205 28.08 -7.61 -7.80
N ALA D 206 28.67 -6.56 -8.37
CA ALA D 206 27.98 -5.70 -9.32
C ALA D 206 28.81 -5.53 -10.58
N THR D 207 28.13 -5.33 -11.70
CA THR D 207 28.81 -5.16 -12.98
C THR D 207 28.70 -3.72 -13.46
N HIS D 208 29.19 -3.51 -14.68
CA HIS D 208 29.08 -2.22 -15.34
C HIS D 208 27.64 -1.74 -15.44
N PHE D 209 26.68 -2.67 -15.48
CA PHE D 209 25.29 -2.37 -15.72
C PHE D 209 24.55 -2.01 -14.44
N ALA D 210 25.20 -2.18 -13.29
CA ALA D 210 24.54 -1.91 -12.00
C ALA D 210 23.90 -0.55 -11.94
N PRO D 211 24.55 0.56 -12.36
CA PRO D 211 23.88 1.87 -12.27
C PRO D 211 22.68 2.02 -13.18
N ASN D 212 22.41 1.08 -14.09
CA ASN D 212 21.27 1.13 -14.98
C ASN D 212 20.07 0.38 -14.43
N ILE D 213 20.24 -0.27 -13.28
CA ILE D 213 19.20 -1.08 -12.65
C ILE D 213 18.91 -0.42 -11.31
N PRO D 214 17.64 -0.11 -10.98
CA PRO D 214 17.33 0.45 -9.66
C PRO D 214 18.02 -0.32 -8.54
N ASN D 215 18.81 0.41 -7.75
CA ASN D 215 19.74 -0.16 -6.79
C ASN D 215 19.59 0.59 -5.48
N LYS D 216 19.28 -0.13 -4.39
CA LYS D 216 19.04 0.54 -3.12
C LYS D 216 20.30 1.27 -2.63
N ILE D 217 21.47 0.70 -2.86
CA ILE D 217 22.70 1.31 -2.35
C ILE D 217 23.04 2.57 -3.14
N ILE D 218 22.98 2.49 -4.48
CA ILE D 218 23.23 3.68 -5.29
C ILE D 218 22.22 4.77 -4.93
N GLY D 219 20.96 4.40 -4.71
CA GLY D 219 19.97 5.39 -4.31
C GLY D 219 20.29 6.01 -2.97
N LYS D 220 20.61 5.18 -1.98
CA LYS D 220 20.93 5.63 -0.63
C LYS D 220 22.07 6.65 -0.64
N TYR D 221 23.20 6.29 -1.25
CA TYR D 221 24.39 7.07 -1.04
C TYR D 221 24.47 8.25 -2.00
N SER D 222 23.86 8.14 -3.19
CA SER D 222 23.77 9.30 -4.06
C SER D 222 22.92 10.40 -3.42
N VAL D 223 21.75 10.04 -2.89
CA VAL D 223 20.89 11.04 -2.26
C VAL D 223 21.56 11.62 -1.02
N ALA D 224 22.10 10.74 -0.15
CA ALA D 224 22.80 11.22 1.03
C ALA D 224 23.95 12.14 0.66
N TRP D 225 24.63 11.88 -0.48
CA TRP D 225 25.75 12.73 -0.86
C TRP D 225 25.26 14.08 -1.35
N LEU D 226 24.28 14.07 -2.27
CA LEU D 226 23.67 15.31 -2.74
C LEU D 226 23.08 16.12 -1.60
N LYS D 227 22.28 15.47 -0.73
CA LYS D 227 21.74 16.18 0.44
C LYS D 227 22.86 16.87 1.21
N ARG D 228 23.91 16.13 1.55
CA ARG D 228 24.93 16.67 2.45
C ARG D 228 25.66 17.86 1.82
N PHE D 229 25.86 17.85 0.51
CA PHE D 229 26.72 18.88 -0.06
C PHE D 229 26.00 19.87 -0.93
N VAL D 230 24.95 19.45 -1.64
CA VAL D 230 24.13 20.41 -2.38
C VAL D 230 23.29 21.25 -1.42
N ASP D 231 22.75 20.61 -0.36
CA ASP D 231 21.87 21.26 0.61
C ASP D 231 22.57 21.63 1.91
N ASN D 232 23.87 21.35 2.06
CA ASN D 232 24.56 21.49 3.35
C ASN D 232 23.82 20.78 4.47
N ASP D 233 23.10 19.71 4.14
CA ASP D 233 22.13 19.10 5.05
C ASP D 233 22.86 18.09 5.94
N THR D 234 23.27 18.54 7.13
CA THR D 234 24.05 17.70 8.04
C THR D 234 23.26 16.57 8.65
N ARG D 235 21.94 16.50 8.43
CA ARG D 235 21.20 15.31 8.83
C ARG D 235 21.63 14.06 8.06
N TYR D 236 22.43 14.21 7.00
CA TYR D 236 22.87 13.06 6.22
C TYR D 236 24.32 12.66 6.48
N THR D 237 25.03 13.38 7.35
CA THR D 237 26.38 12.96 7.71
C THR D 237 26.39 11.57 8.30
N GLN D 238 25.34 11.21 9.03
CA GLN D 238 25.29 9.92 9.72
C GLN D 238 25.46 8.76 8.77
N PHE D 239 24.96 8.89 7.54
CA PHE D 239 25.08 7.79 6.58
C PHE D 239 26.43 7.75 5.88
N LEU D 240 27.17 8.86 5.85
CA LEU D 240 28.44 8.93 5.11
C LEU D 240 29.65 8.72 6.01
N CYS D 241 29.53 9.10 7.28
CA CYS D 241 30.63 9.07 8.23
C CYS D 241 30.19 8.30 9.46
N PRO D 242 30.88 7.22 9.85
CA PRO D 242 32.08 6.68 9.20
C PRO D 242 31.78 5.95 7.89
N GLY D 243 30.51 5.71 7.62
CA GLY D 243 30.12 5.02 6.39
C GLY D 243 30.00 3.52 6.59
N PRO D 244 29.57 2.82 5.58
CA PRO D 244 29.33 1.39 5.65
C PRO D 244 30.62 0.62 5.58
N ARG D 245 31.15 0.24 6.68
CA ARG D 245 32.46 -0.23 6.51
C ARG D 245 32.58 -1.73 6.36
N ASP D 246 33.63 -2.10 5.63
CA ASP D 246 33.85 -3.21 4.71
C ASP D 246 33.75 -4.63 5.29
N GLY D 247 32.98 -5.49 4.67
CA GLY D 247 31.98 -5.14 3.69
C GLY D 247 30.52 -5.42 4.09
N LEU D 248 29.82 -4.35 4.52
CA LEU D 248 28.51 -4.45 5.13
C LEU D 248 27.51 -5.21 4.27
N PHE D 249 26.87 -6.21 4.88
CA PHE D 249 25.75 -7.00 4.36
C PHE D 249 26.08 -7.81 3.11
N GLY D 250 27.34 -7.87 2.71
CA GLY D 250 27.63 -8.33 1.36
C GLY D 250 27.14 -7.38 0.28
N GLU D 251 26.85 -6.14 0.62
CA GLU D 251 26.32 -5.17 -0.34
C GLU D 251 27.35 -4.15 -0.75
N VAL D 252 28.23 -3.78 0.18
CA VAL D 252 29.35 -2.88 -0.08
C VAL D 252 30.61 -3.68 0.14
N GLU D 253 31.45 -3.84 -0.88
CA GLU D 253 32.69 -4.57 -0.63
C GLU D 253 33.78 -3.66 -0.07
N GLU D 254 33.66 -2.34 -0.27
CA GLU D 254 34.66 -1.42 0.25
C GLU D 254 34.07 -0.02 0.33
N TYR D 255 34.43 0.71 1.39
CA TYR D 255 34.08 2.11 1.54
C TYR D 255 35.25 2.86 2.17
N ARG D 256 35.61 3.98 1.55
CA ARG D 256 36.69 4.86 2.00
C ARG D 256 36.21 6.29 1.83
N SER D 257 36.57 7.17 2.79
CA SER D 257 36.14 8.57 2.75
C SER D 257 37.17 9.43 3.46
N THR D 258 37.02 10.75 3.33
CA THR D 258 37.82 11.68 4.11
C THR D 258 37.05 12.23 5.29
N CYS D 259 36.12 11.45 5.82
CA CYS D 259 35.41 11.80 7.04
C CYS D 259 36.42 12.15 8.13
N PRO D 260 36.17 13.20 8.94
CA PRO D 260 34.96 14.02 8.90
C PRO D 260 35.07 15.17 7.91
N PHE D 261 33.95 15.64 7.38
CA PHE D 261 33.94 16.64 6.31
C PHE D 261 33.89 18.06 6.87
S SO4 E . -39.64 32.29 -7.12
O1 SO4 E . -39.69 31.41 -5.98
O2 SO4 E . -39.95 33.63 -6.65
O3 SO4 E . -40.59 31.81 -8.12
O4 SO4 E . -38.33 32.30 -7.76
C ACT F . -38.59 19.88 -16.68
O ACT F . -37.75 19.77 -15.73
OXT ACT F . -38.99 19.02 -17.53
CH3 ACT F . -39.25 21.24 -16.85
C ACT G . 2.46 13.90 0.87
O ACT G . 1.85 12.92 0.35
OXT ACT G . 3.53 14.47 0.48
CH3 ACT G . 1.85 14.52 2.16
C ACT H . -32.01 16.57 -30.97
O ACT H . -32.99 15.82 -31.26
OXT ACT H . -30.80 16.24 -30.76
CH3 ACT H . -32.35 18.08 -30.84
C ACT I . -21.28 16.84 -27.67
O ACT I . -22.32 16.39 -28.27
OXT ACT I . -20.54 16.28 -26.79
CH3 ACT I . -20.87 18.22 -28.09
C1 PEG J . -23.24 11.17 -34.03
O1 PEG J . -22.37 10.46 -33.14
C2 PEG J . -22.75 12.59 -34.32
O2 PEG J . -23.69 13.48 -33.70
C3 PEG J . -23.04 14.58 -33.06
C4 PEG J . -24.05 15.20 -32.10
O4 PEG J . -24.07 16.62 -32.27
C1 GOL K . 5.25 3.99 -4.69
O1 GOL K . 6.61 4.43 -4.82
C2 GOL K . 4.33 5.15 -5.09
O2 GOL K . 3.78 4.98 -6.40
C3 GOL K . 5.12 6.45 -5.02
O3 GOL K . 4.74 7.28 -6.11
S SO4 L . -25.83 7.70 44.07
O1 SO4 L . -27.15 7.35 44.59
O2 SO4 L . -26.04 8.70 43.05
O3 SO4 L . -25.18 6.51 43.56
O4 SO4 L . -24.97 8.27 45.09
C ACT M . 0.75 -8.81 2.48
O ACT M . -0.18 -9.31 3.18
OXT ACT M . 0.93 -8.90 1.20
CH3 ACT M . 1.77 -7.95 3.31
C ACT N . -10.50 9.80 44.30
O ACT N . -11.33 9.38 45.17
OXT ACT N . -10.49 9.61 43.04
CH3 ACT N . -9.37 10.65 44.87
C ACT O . 2.23 -5.44 38.31
O ACT O . 1.60 -6.41 38.81
OXT ACT O . 2.35 -5.13 37.08
CH3 ACT O . 2.95 -4.51 39.35
C1 PEG P . 4.43 -4.97 44.60
O1 PEG P . 3.56 -3.98 45.19
C2 PEG P . 4.81 -4.50 43.20
O2 PEG P . 6.04 -5.10 42.81
C3 PEG P . 6.87 -4.24 42.04
C4 PEG P . 8.09 -5.03 41.60
O4 PEG P . 9.26 -4.36 42.06
LI LI Q . 2.93 1.18 47.48
C ACT R . 17.24 -33.04 -6.10
O ACT R . 16.28 -33.31 -5.30
OXT ACT R . 17.78 -33.76 -7.03
CH3 ACT R . 17.82 -31.69 -5.91
C1 PEG S . -14.78 -15.40 -0.81
O1 PEG S . -14.91 -14.85 -2.13
C2 PEG S . -14.01 -14.45 0.10
O2 PEG S . -12.65 -14.28 -0.36
C3 PEG S . -11.98 -13.30 0.41
C4 PEG S . -11.03 -13.99 1.38
O4 PEG S . -11.41 -13.68 2.72
C1 PEG T . 13.61 -45.34 -4.55
O1 PEG T . 13.32 -44.01 -5.01
C2 PEG T . 14.43 -45.32 -3.25
O2 PEG T . 13.61 -45.43 -2.07
C3 PEG T . 13.80 -44.34 -1.16
C4 PEG T . 14.95 -44.54 -0.15
O4 PEG T . 15.17 -43.38 0.69
C ACT U . 31.07 3.11 -21.09
O ACT U . 30.12 2.31 -20.92
OXT ACT U . 32.35 2.89 -21.20
CH3 ACT U . 30.63 4.52 -21.19
C1 PEG V . 17.26 -3.61 -4.70
O1 PEG V . 18.50 -2.89 -4.65
C2 PEG V . 16.28 -2.91 -5.64
O2 PEG V . 15.64 -1.85 -4.92
C3 PEG V . 15.58 -0.63 -5.64
C4 PEG V . 16.02 0.47 -4.69
O4 PEG V . 15.00 1.46 -4.46
C1 PEG W . 22.04 -2.78 -9.61
O1 PEG W . 22.70 -4.00 -10.03
C2 PEG W . 20.63 -3.02 -9.06
O2 PEG W . 20.53 -4.27 -8.36
C3 PEG W . 19.86 -4.18 -7.11
C4 PEG W . 20.60 -5.01 -6.06
O4 PEG W . 20.84 -4.21 -4.89
LI LI X . 26.88 0.01 -21.56
#